data_4ZOF
#
_entry.id   4ZOF
#
_cell.length_a   94.191
_cell.length_b   78.763
_cell.length_c   99.674
_cell.angle_alpha   90.00
_cell.angle_beta   109.45
_cell.angle_gamma   90.00
#
_symmetry.space_group_name_H-M   'C 1 2 1'
#
loop_
_entity.id
_entity.type
_entity.pdbx_description
1 polymer 'Anthranilate phosphoribosyltransferase'
2 non-polymer 'MAGNESIUM ION'
3 non-polymer 1-O-pyrophosphono-5-O-phosphono-alpha-D-ribofuranose
4 non-polymer '2-[(2-carboxy-5-nitrophenyl)amino]-3-methylbenzoic acid'
5 non-polymer IMIDAZOLE
6 non-polymer 'PHOSPHATE ION'
7 water water
#
_entity_poly.entity_id   1
_entity_poly.type   'polypeptide(L)'
_entity_poly.pdbx_seq_one_letter_code
;MVALSAEGSSGGSRGGSPKAEAASVPSWPQILGRLTDNRDLARGQAAWAMDQIMTGNARPAQIAAFAVAMTMKAPTADEV
GELAGVMLSHAHPLPADTVPDDAVDVVGTGGDGVNTVNLSTMAAIVVAAAGVPVVKHGNRAASSLSGGADTLEALGVRID
LGPDLVARSLAEVGIGFCFAPRFHPSYRHAAAVRREIGVPTVFNLLGPLTNPARPRAGLIGCAFADLAEVMAGVFAARRS
SVLVVHGDDGLDELTTTTTSTIWRVAAGSVDKLTFDPAGFGFARAQLDQLAGGDAQANAAAVRAVLGGARGPVRDAVVLN
AAGAIVAHAGLSSRAEWLPAWEEGLRRASAAIDTGAAEQLLARWVRFGRQILEHHHHHH
;
_entity_poly.pdbx_strand_id   A,B
#
loop_
_chem_comp.id
_chem_comp.type
_chem_comp.name
_chem_comp.formula
59L non-polymer '2-[(2-carboxy-5-nitrophenyl)amino]-3-methylbenzoic acid' 'C15 H12 N2 O6'
IMD non-polymer IMIDAZOLE 'C3 H5 N2 1'
MG non-polymer 'MAGNESIUM ION' 'Mg 2'
PO4 non-polymer 'PHOSPHATE ION' 'O4 P -3'
PRP D-saccharide 1-O-pyrophosphono-5-O-phosphono-alpha-D-ribofuranose 'C5 H13 O14 P3'
#
# COMPACT_ATOMS: atom_id res chain seq x y z
N PRO A 26 9.41 10.54 -14.51
CA PRO A 26 8.84 9.75 -13.40
C PRO A 26 7.49 9.15 -13.76
N SER A 27 7.08 8.11 -13.05
CA SER A 27 5.79 7.50 -13.29
C SER A 27 5.34 6.81 -12.02
N TRP A 28 4.06 6.47 -11.95
CA TRP A 28 3.53 5.74 -10.82
C TRP A 28 4.09 4.32 -10.73
N PRO A 29 4.18 3.60 -11.87
CA PRO A 29 4.81 2.28 -11.80
C PRO A 29 6.25 2.30 -11.30
N GLN A 30 7.00 3.29 -11.77
CA GLN A 30 8.38 3.45 -11.33
C GLN A 30 8.45 3.73 -9.82
N ILE A 31 7.72 4.72 -9.35
CA ILE A 31 7.75 5.12 -7.93
C ILE A 31 7.15 4.04 -7.01
N LEU A 32 5.99 3.50 -7.36
CA LEU A 32 5.42 2.45 -6.52
C LEU A 32 6.28 1.19 -6.52
N GLY A 33 6.93 0.89 -7.65
CA GLY A 33 7.77 -0.29 -7.73
C GLY A 33 8.97 -0.15 -6.82
N ARG A 34 9.52 1.05 -6.80
CA ARG A 34 10.65 1.34 -5.94
C ARG A 34 10.26 1.18 -4.46
N LEU A 35 9.12 1.75 -4.08
CA LEU A 35 8.65 1.64 -2.70
C LEU A 35 8.33 0.19 -2.31
N THR A 36 7.69 -0.57 -3.19
CA THR A 36 7.33 -1.95 -2.82
C THR A 36 8.55 -2.88 -2.82
N ASP A 37 9.64 -2.45 -3.47
CA ASP A 37 10.92 -3.12 -3.30
C ASP A 37 11.67 -2.65 -2.04
N ASN A 38 10.99 -1.87 -1.19
CA ASN A 38 11.57 -1.40 0.07
CA ASN A 38 11.57 -1.37 0.06
C ASN A 38 12.81 -0.53 -0.16
N ARG A 39 12.77 0.30 -1.21
CA ARG A 39 13.86 1.22 -1.49
C ARG A 39 13.44 2.66 -1.25
N ASP A 40 14.34 3.45 -0.69
CA ASP A 40 14.14 4.90 -0.63
C ASP A 40 14.00 5.46 -2.03
N LEU A 41 13.13 6.46 -2.18
CA LEU A 41 12.95 7.13 -3.45
C LEU A 41 14.17 7.95 -3.86
N ALA A 42 14.31 8.16 -5.17
CA ALA A 42 15.30 9.11 -5.69
C ALA A 42 14.82 10.51 -5.39
N ARG A 43 15.75 11.45 -5.25
CA ARG A 43 15.37 12.83 -4.98
CA ARG A 43 15.41 12.85 -5.01
C ARG A 43 14.40 13.33 -6.04
N GLY A 44 13.36 14.03 -5.58
CA GLY A 44 12.35 14.57 -6.47
C GLY A 44 11.15 13.68 -6.72
N GLN A 45 11.25 12.38 -6.44
CA GLN A 45 10.15 11.46 -6.79
C GLN A 45 8.96 11.65 -5.85
N ALA A 46 9.21 11.75 -4.55
CA ALA A 46 8.13 12.03 -3.61
C ALA A 46 7.44 13.33 -3.99
N ALA A 47 8.23 14.34 -4.34
CA ALA A 47 7.67 15.63 -4.74
C ALA A 47 6.84 15.51 -6.03
N TRP A 48 7.34 14.76 -7.02
CA TRP A 48 6.56 14.51 -8.23
C TRP A 48 5.21 13.88 -7.88
N ALA A 49 5.26 12.85 -7.04
CA ALA A 49 4.05 12.14 -6.63
C ALA A 49 3.05 13.08 -5.95
N MET A 50 3.52 13.89 -5.01
CA MET A 50 2.64 14.77 -4.27
C MET A 50 2.00 15.80 -5.19
N ASP A 51 2.79 16.29 -6.14
CA ASP A 51 2.28 17.31 -7.04
C ASP A 51 1.22 16.72 -7.97
N GLN A 52 1.42 15.48 -8.41
CA GLN A 52 0.39 14.79 -9.19
C GLN A 52 -0.92 14.69 -8.39
N ILE A 53 -0.80 14.35 -7.12
CA ILE A 53 -1.97 14.21 -6.25
C ILE A 53 -2.66 15.56 -6.08
N MET A 54 -1.85 16.58 -5.84
CA MET A 54 -2.43 17.87 -5.52
C MET A 54 -2.87 18.68 -6.74
N THR A 55 -2.58 18.18 -7.94
CA THR A 55 -3.10 18.82 -9.14
C THR A 55 -4.28 18.04 -9.71
N GLY A 56 -4.71 17.02 -8.97
CA GLY A 56 -5.89 16.25 -9.33
C GLY A 56 -5.64 15.22 -10.42
N ASN A 57 -4.36 14.91 -10.65
CA ASN A 57 -3.97 14.04 -11.77
C ASN A 57 -3.70 12.59 -11.41
N ALA A 58 -3.96 12.23 -10.16
CA ALA A 58 -3.70 10.88 -9.67
C ALA A 58 -5.02 10.11 -9.48
N ARG A 59 -5.02 8.84 -9.85
CA ARG A 59 -6.17 7.97 -9.57
C ARG A 59 -6.24 7.67 -8.06
N PRO A 60 -7.45 7.46 -7.52
CA PRO A 60 -7.56 7.04 -6.12
C PRO A 60 -6.66 5.86 -5.77
N ALA A 61 -6.57 4.87 -6.65
CA ALA A 61 -5.74 3.70 -6.40
C ALA A 61 -4.27 4.08 -6.29
N GLN A 62 -3.85 5.07 -7.08
CA GLN A 62 -2.46 5.53 -7.07
C GLN A 62 -2.14 6.26 -5.78
N ILE A 63 -3.07 7.11 -5.35
CA ILE A 63 -2.90 7.82 -4.09
C ILE A 63 -2.73 6.82 -2.95
N ALA A 64 -3.67 5.86 -2.89
CA ALA A 64 -3.72 4.85 -1.84
C ALA A 64 -2.46 4.00 -1.82
N ALA A 65 -2.02 3.56 -3.01
CA ALA A 65 -0.87 2.71 -3.11
C ALA A 65 0.36 3.46 -2.65
N PHE A 66 0.45 4.72 -3.02
CA PHE A 66 1.58 5.54 -2.63
C PHE A 66 1.61 5.74 -1.11
N ALA A 67 0.47 6.13 -0.54
CA ALA A 67 0.40 6.36 0.91
C ALA A 67 0.78 5.10 1.70
N VAL A 68 0.25 3.96 1.29
CA VAL A 68 0.47 2.70 2.01
C VAL A 68 1.92 2.26 1.78
N ALA A 69 2.39 2.34 0.54
CA ALA A 69 3.75 1.86 0.23
C ALA A 69 4.80 2.70 0.94
N MET A 70 4.60 4.00 0.97
CA MET A 70 5.56 4.88 1.63
C MET A 70 5.60 4.59 3.14
N THR A 71 4.45 4.29 3.69
CA THR A 71 4.31 4.04 5.12
C THR A 71 5.03 2.75 5.50
N MET A 72 4.86 1.70 4.69
CA MET A 72 5.43 0.39 5.04
C MET A 72 6.92 0.30 4.72
N LYS A 73 7.38 1.09 3.77
CA LYS A 73 8.80 1.17 3.47
C LYS A 73 9.58 1.83 4.63
N ALA A 74 8.92 2.77 5.30
CA ALA A 74 9.48 3.67 6.33
C ALA A 74 9.97 4.93 5.63
N PRO A 75 9.22 6.02 5.74
CA PRO A 75 9.61 7.24 5.04
C PRO A 75 10.80 7.90 5.68
N THR A 76 11.62 8.52 4.87
CA THR A 76 12.74 9.31 5.36
C THR A 76 12.34 10.75 5.54
N ALA A 77 13.14 11.48 6.31
CA ALA A 77 12.90 12.92 6.44
C ALA A 77 13.00 13.63 5.08
N ASP A 78 13.92 13.20 4.22
CA ASP A 78 14.01 13.79 2.88
C ASP A 78 12.67 13.63 2.17
N GLU A 79 12.11 12.42 2.20
CA GLU A 79 10.87 12.14 1.47
C GLU A 79 9.70 12.93 2.07
N VAL A 80 9.59 12.93 3.38
CA VAL A 80 8.50 13.68 4.01
C VAL A 80 8.67 15.20 3.78
N GLY A 81 9.92 15.68 3.79
CA GLY A 81 10.19 17.07 3.49
C GLY A 81 9.73 17.45 2.08
N GLU A 82 9.90 16.55 1.12
CA GLU A 82 9.40 16.79 -0.22
C GLU A 82 7.88 16.88 -0.29
N LEU A 83 7.20 15.97 0.41
CA LEU A 83 5.73 15.99 0.43
C LEU A 83 5.22 17.29 1.02
N ALA A 84 5.77 17.68 2.17
CA ALA A 84 5.38 18.94 2.84
C ALA A 84 5.71 20.16 1.97
N GLY A 85 6.84 20.08 1.29
CA GLY A 85 7.29 21.13 0.40
C GLY A 85 6.32 21.39 -0.73
N VAL A 86 5.81 20.32 -1.33
CA VAL A 86 4.85 20.46 -2.41
C VAL A 86 3.58 21.09 -1.85
N MET A 87 3.11 20.62 -0.70
CA MET A 87 1.92 21.20 -0.10
C MET A 87 2.08 22.69 0.14
N LEU A 88 3.22 23.08 0.68
CA LEU A 88 3.44 24.50 0.95
C LEU A 88 3.52 25.30 -0.34
N SER A 89 4.03 24.67 -1.41
CA SER A 89 4.16 25.38 -2.67
CA SER A 89 4.14 25.31 -2.70
C SER A 89 2.77 25.69 -3.24
N HIS A 90 1.77 24.88 -2.88
CA HIS A 90 0.41 25.06 -3.38
C HIS A 90 -0.51 25.77 -2.41
N ALA A 91 -0.03 26.00 -1.19
CA ALA A 91 -0.85 26.64 -0.16
C ALA A 91 -1.05 28.12 -0.42
N HIS A 92 -2.14 28.67 0.10
CA HIS A 92 -2.29 30.12 0.20
C HIS A 92 -1.30 30.66 1.23
N PRO A 93 -0.40 31.56 0.82
CA PRO A 93 0.52 32.20 1.77
C PRO A 93 -0.14 33.34 2.53
N LEU A 94 0.44 33.75 3.65
CA LEU A 94 0.01 34.98 4.29
C LEU A 94 0.71 36.14 3.57
N PRO A 95 0.10 37.32 3.58
CA PRO A 95 0.70 38.42 2.82
C PRO A 95 2.08 38.82 3.39
N ALA A 96 2.93 39.37 2.53
CA ALA A 96 4.33 39.60 2.91
C ALA A 96 4.48 40.54 4.12
N ASP A 97 5.49 40.27 4.93
CA ASP A 97 5.80 41.07 6.11
C ASP A 97 4.66 41.17 7.13
N THR A 98 3.84 40.12 7.25
CA THR A 98 2.75 40.10 8.23
C THR A 98 2.94 39.06 9.34
N VAL A 99 3.95 38.21 9.19
CA VAL A 99 4.24 37.19 10.20
C VAL A 99 5.57 37.48 10.87
N PRO A 100 5.57 37.76 12.19
CA PRO A 100 6.83 38.02 12.90
C PRO A 100 7.82 36.89 12.73
N ASP A 101 9.10 37.23 12.60
CA ASP A 101 10.15 36.24 12.44
C ASP A 101 10.15 35.20 13.57
N ASP A 102 9.59 35.57 14.72
CA ASP A 102 9.62 34.68 15.89
C ASP A 102 8.25 34.09 16.23
N ALA A 103 7.34 34.08 15.27
CA ALA A 103 6.05 33.44 15.48
C ALA A 103 6.22 31.96 15.77
N VAL A 104 5.30 31.40 16.55
CA VAL A 104 5.33 29.99 16.90
C VAL A 104 4.02 29.31 16.55
N ASP A 105 4.11 28.00 16.33
CA ASP A 105 2.95 27.12 16.16
C ASP A 105 2.80 26.19 17.38
N VAL A 106 1.58 25.76 17.65
CA VAL A 106 1.31 24.74 18.65
C VAL A 106 0.26 23.86 18.00
N VAL A 107 0.66 22.68 17.55
CA VAL A 107 -0.26 21.79 16.82
C VAL A 107 0.27 20.38 16.81
N GLY A 108 -0.62 19.41 16.64
CA GLY A 108 -0.24 18.02 16.58
C GLY A 108 -0.83 17.32 15.38
N THR A 109 -0.36 16.11 15.14
CA THR A 109 -0.89 15.26 14.08
C THR A 109 -2.31 14.81 14.38
N GLY A 110 -2.66 14.80 15.65
CA GLY A 110 -3.85 14.08 16.09
C GLY A 110 -3.64 12.59 15.92
N GLY A 111 -4.72 11.82 16.01
CA GLY A 111 -4.64 10.40 15.77
C GLY A 111 -4.11 9.57 16.94
N ASP A 112 -4.16 10.11 18.16
CA ASP A 112 -3.71 9.33 19.31
C ASP A 112 -4.84 8.47 19.89
N GLY A 113 -6.05 8.66 19.39
CA GLY A 113 -7.17 7.81 19.76
C GLY A 113 -7.66 7.90 21.20
N VAL A 114 -7.29 8.97 21.91
CA VAL A 114 -7.64 9.11 23.33
C VAL A 114 -8.76 10.12 23.56
N ASN A 115 -8.99 11.01 22.60
CA ASN A 115 -10.05 12.00 22.71
C ASN A 115 -9.94 12.86 23.98
N THR A 116 -8.84 13.59 24.09
CA THR A 116 -8.59 14.47 25.24
C THR A 116 -9.22 15.84 25.03
N VAL A 117 -9.15 16.69 26.04
CA VAL A 117 -9.42 18.10 25.89
C VAL A 117 -8.40 18.68 24.90
N ASN A 118 -8.67 19.89 24.39
CA ASN A 118 -7.88 20.46 23.32
C ASN A 118 -6.64 21.18 23.84
N LEU A 119 -5.63 20.41 24.19
CA LEU A 119 -4.45 20.94 24.87
C LEU A 119 -3.61 21.91 24.01
N SER A 120 -3.45 21.65 22.71
CA SER A 120 -2.68 22.56 21.87
C SER A 120 -3.38 23.92 21.76
N THR A 121 -4.69 23.87 21.63
CA THR A 121 -5.49 25.07 21.45
C THR A 121 -5.46 25.94 22.72
N MET A 122 -5.54 25.29 23.87
CA MET A 122 -5.48 26.00 25.13
C MET A 122 -4.07 26.57 25.36
N ALA A 123 -3.08 25.76 25.08
CA ALA A 123 -1.68 26.16 25.20
C ALA A 123 -1.41 27.35 24.29
N ALA A 124 -1.93 27.32 23.05
CA ALA A 124 -1.72 28.40 22.10
C ALA A 124 -2.24 29.76 22.59
N ILE A 125 -3.41 29.75 23.19
CA ILE A 125 -4.01 30.96 23.76
C ILE A 125 -3.13 31.50 24.90
N VAL A 126 -2.69 30.62 25.79
CA VAL A 126 -1.84 31.02 26.90
C VAL A 126 -0.51 31.59 26.40
N VAL A 127 0.09 30.93 25.43
CA VAL A 127 1.35 31.37 24.86
C VAL A 127 1.24 32.75 24.23
N ALA A 128 0.17 32.98 23.45
CA ALA A 128 -0.07 34.30 22.89
C ALA A 128 -0.23 35.34 24.00
N ALA A 129 -0.91 34.96 25.07
CA ALA A 129 -1.19 35.90 26.14
C ALA A 129 0.08 36.21 26.90
N ALA A 130 1.07 35.32 26.84
CA ALA A 130 2.39 35.63 27.40
C ALA A 130 3.22 36.54 26.50
N GLY A 131 2.70 36.87 25.32
CA GLY A 131 3.37 37.82 24.45
C GLY A 131 4.16 37.19 23.32
N VAL A 132 4.05 35.88 23.16
CA VAL A 132 4.71 35.20 22.03
C VAL A 132 3.75 35.14 20.85
N PRO A 133 4.12 35.68 19.69
CA PRO A 133 3.21 35.61 18.55
C PRO A 133 2.90 34.16 18.16
N VAL A 134 1.61 33.82 18.02
CA VAL A 134 1.20 32.46 17.67
C VAL A 134 0.47 32.49 16.34
N VAL A 135 0.95 31.72 15.35
CA VAL A 135 0.14 31.51 14.14
C VAL A 135 -0.08 30.01 14.06
N LYS A 136 -1.30 29.62 14.42
CA LYS A 136 -1.64 28.24 14.65
C LYS A 136 -2.25 27.61 13.42
N HIS A 137 -1.74 26.42 13.10
CA HIS A 137 -2.33 25.58 12.08
C HIS A 137 -3.34 24.72 12.80
N GLY A 138 -4.49 24.61 12.21
CA GLY A 138 -5.49 23.77 12.79
C GLY A 138 -6.55 23.19 11.87
N ASN A 139 -7.30 22.27 12.40
CA ASN A 139 -8.27 21.57 11.61
C ASN A 139 -9.33 20.98 12.50
N ARG A 140 -10.41 20.56 11.89
CA ARG A 140 -11.42 19.85 12.61
C ARG A 140 -10.91 18.46 12.97
N ALA A 141 -11.64 17.80 13.85
CA ALA A 141 -11.28 16.45 14.27
C ALA A 141 -11.42 15.47 13.11
N ALA A 142 -10.59 14.42 13.13
CA ALA A 142 -10.72 13.32 12.17
C ALA A 142 -11.26 12.07 12.89
N SER A 143 -10.88 11.90 14.15
CA SER A 143 -11.34 10.76 14.96
C SER A 143 -11.93 11.20 16.30
N SER A 144 -11.32 12.21 16.90
CA SER A 144 -11.78 12.73 18.18
C SER A 144 -13.18 13.29 18.07
N LEU A 145 -13.78 13.56 19.21
CA LEU A 145 -15.10 14.20 19.26
C LEU A 145 -15.05 15.64 18.81
N SER A 146 -14.01 16.38 19.23
CA SER A 146 -13.94 17.80 18.93
C SER A 146 -12.48 18.17 18.71
N GLY A 147 -12.17 18.66 17.51
CA GLY A 147 -10.81 19.07 17.19
C GLY A 147 -10.60 20.51 17.61
N GLY A 148 -9.37 21.00 17.48
CA GLY A 148 -9.09 22.38 17.83
C GLY A 148 -9.99 23.38 17.13
N ALA A 149 -10.15 23.24 15.81
CA ALA A 149 -11.01 24.16 15.07
C ALA A 149 -12.46 24.09 15.58
N ASP A 150 -12.93 22.88 15.90
CA ASP A 150 -14.31 22.67 16.39
C ASP A 150 -14.56 23.38 17.71
N THR A 151 -13.61 23.24 18.63
CA THR A 151 -13.69 23.90 19.92
C THR A 151 -13.55 25.43 19.82
N LEU A 152 -12.64 25.93 19.00
CA LEU A 152 -12.55 27.38 18.81
C LEU A 152 -13.84 27.92 18.23
N GLU A 153 -14.41 27.18 17.29
CA GLU A 153 -15.68 27.58 16.71
C GLU A 153 -16.74 27.68 17.81
N ALA A 154 -16.78 26.68 18.68
CA ALA A 154 -17.74 26.66 19.78
C ALA A 154 -17.52 27.82 20.76
N LEU A 155 -16.32 28.38 20.75
CA LEU A 155 -15.97 29.47 21.67
C LEU A 155 -16.33 30.83 21.08
N GLY A 156 -16.67 30.85 19.80
CA GLY A 156 -17.02 32.09 19.11
C GLY A 156 -15.87 32.65 18.30
N VAL A 157 -14.74 31.95 18.29
CA VAL A 157 -13.60 32.35 17.45
C VAL A 157 -13.87 32.03 15.99
N ARG A 158 -13.53 32.97 15.11
CA ARG A 158 -13.72 32.78 13.67
C ARG A 158 -12.62 31.88 13.09
N ILE A 159 -13.01 30.70 12.61
CA ILE A 159 -12.05 29.76 12.01
C ILE A 159 -12.12 29.72 10.49
N ASP A 160 -12.64 30.79 9.90
CA ASP A 160 -12.93 30.84 8.46
C ASP A 160 -12.13 31.91 7.76
N LEU A 161 -11.19 32.54 8.47
CA LEU A 161 -10.51 33.70 7.92
C LEU A 161 -9.48 33.34 6.86
N GLY A 162 -9.43 34.15 5.81
CA GLY A 162 -8.41 34.00 4.79
C GLY A 162 -7.14 34.72 5.20
N PRO A 163 -6.12 34.67 4.34
CA PRO A 163 -4.77 35.20 4.56
C PRO A 163 -4.75 36.62 5.15
N ASP A 164 -5.38 37.58 4.47
CA ASP A 164 -5.41 38.96 4.98
C ASP A 164 -5.88 39.06 6.43
N LEU A 165 -7.03 38.46 6.71
CA LEU A 165 -7.63 38.59 8.02
C LEU A 165 -6.88 37.79 9.11
N VAL A 166 -6.18 36.72 8.75
CA VAL A 166 -5.38 35.99 9.74
C VAL A 166 -4.21 36.89 10.14
N ALA A 167 -3.66 37.58 9.16
CA ALA A 167 -2.58 38.51 9.37
C ALA A 167 -3.05 39.66 10.28
N ARG A 168 -4.26 40.16 10.05
CA ARG A 168 -4.82 41.19 10.95
C ARG A 168 -5.06 40.66 12.35
N SER A 169 -5.55 39.42 12.45
CA SER A 169 -5.77 38.80 13.75
C SER A 169 -4.46 38.74 14.53
N LEU A 170 -3.42 38.31 13.85
CA LEU A 170 -2.11 38.19 14.45
C LEU A 170 -1.60 39.55 14.94
N ALA A 171 -1.77 40.58 14.13
CA ALA A 171 -1.31 41.93 14.47
C ALA A 171 -2.11 42.52 15.64
N GLU A 172 -3.42 42.29 15.63
CA GLU A 172 -4.32 42.99 16.54
C GLU A 172 -4.59 42.26 17.84
N VAL A 173 -4.58 40.93 17.77
CA VAL A 173 -4.94 40.10 18.91
C VAL A 173 -3.71 39.38 19.49
N GLY A 174 -2.76 39.04 18.63
CA GLY A 174 -1.53 38.38 19.04
C GLY A 174 -1.51 36.92 18.64
N ILE A 175 -2.61 36.45 18.05
CA ILE A 175 -2.75 35.07 17.61
C ILE A 175 -3.57 35.07 16.33
N GLY A 176 -3.19 34.20 15.40
CA GLY A 176 -3.99 33.94 14.22
C GLY A 176 -4.16 32.45 14.02
N PHE A 177 -5.32 32.05 13.53
CA PHE A 177 -5.63 30.66 13.26
C PHE A 177 -5.74 30.41 11.77
N CYS A 178 -4.88 29.54 11.24
CA CYS A 178 -4.95 29.16 9.83
C CYS A 178 -5.71 27.84 9.73
N PHE A 179 -6.97 27.91 9.31
CA PHE A 179 -7.77 26.72 9.11
C PHE A 179 -7.23 25.97 7.89
N ALA A 180 -6.72 24.77 8.12
CA ALA A 180 -5.99 24.03 7.10
C ALA A 180 -6.74 23.89 5.75
N PRO A 181 -8.01 23.48 5.77
CA PRO A 181 -8.71 23.33 4.48
C PRO A 181 -8.84 24.66 3.72
N ARG A 182 -8.89 25.76 4.45
CA ARG A 182 -8.97 27.08 3.83
C ARG A 182 -7.66 27.43 3.11
N PHE A 183 -6.54 27.06 3.73
CA PHE A 183 -5.25 27.40 3.14
C PHE A 183 -4.68 26.33 2.21
N HIS A 184 -5.22 25.11 2.25
CA HIS A 184 -4.71 23.97 1.47
C HIS A 184 -5.80 23.34 0.61
N PRO A 185 -6.44 24.14 -0.26
CA PRO A 185 -7.57 23.57 -1.02
C PRO A 185 -7.13 22.44 -1.98
N SER A 186 -5.88 22.46 -2.46
CA SER A 186 -5.42 21.40 -3.35
C SER A 186 -5.25 20.06 -2.64
N TYR A 187 -5.24 20.08 -1.31
CA TYR A 187 -5.10 18.83 -0.58
C TYR A 187 -6.40 18.01 -0.58
N ARG A 188 -7.49 18.61 -1.04
CA ARG A 188 -8.77 17.90 -1.09
C ARG A 188 -8.68 16.60 -1.87
N HIS A 189 -7.77 16.56 -2.83
CA HIS A 189 -7.67 15.42 -3.73
C HIS A 189 -7.25 14.16 -2.99
N ALA A 190 -6.61 14.31 -1.84
CA ALA A 190 -6.15 13.18 -1.06
C ALA A 190 -7.17 12.79 0.03
N ALA A 191 -8.18 13.64 0.22
CA ALA A 191 -9.08 13.52 1.37
C ALA A 191 -9.93 12.26 1.35
N ALA A 192 -10.62 11.98 0.24
CA ALA A 192 -11.53 10.84 0.21
C ALA A 192 -10.73 9.56 0.39
N VAL A 193 -9.58 9.48 -0.27
CA VAL A 193 -8.75 8.28 -0.23
C VAL A 193 -8.28 8.01 1.20
N ARG A 194 -7.81 9.04 1.90
CA ARG A 194 -7.32 8.83 3.26
C ARG A 194 -8.43 8.35 4.18
N ARG A 195 -9.63 8.89 4.00
CA ARG A 195 -10.80 8.44 4.76
C ARG A 195 -11.18 6.99 4.42
N GLU A 196 -11.19 6.65 3.14
CA GLU A 196 -11.61 5.31 2.71
C GLU A 196 -10.69 4.22 3.24
N ILE A 197 -9.38 4.50 3.32
CA ILE A 197 -8.49 3.45 3.80
C ILE A 197 -8.45 3.42 5.32
N GLY A 198 -8.75 4.55 5.95
CA GLY A 198 -8.91 4.63 7.39
C GLY A 198 -7.60 4.69 8.16
N VAL A 199 -6.71 3.77 7.82
CA VAL A 199 -5.46 3.57 8.54
C VAL A 199 -4.56 4.81 8.44
N PRO A 200 -3.80 5.11 9.52
CA PRO A 200 -2.86 6.21 9.42
C PRO A 200 -1.77 5.89 8.42
N THR A 201 -1.27 6.90 7.73
CA THR A 201 -0.16 6.73 6.79
C THR A 201 0.85 7.85 6.97
N VAL A 202 1.82 7.93 6.06
CA VAL A 202 2.79 9.02 6.05
C VAL A 202 2.08 10.38 5.95
N PHE A 203 0.90 10.42 5.32
CA PHE A 203 0.19 11.68 5.17
C PHE A 203 -0.24 12.24 6.55
N ASN A 204 -0.38 11.38 7.54
CA ASN A 204 -0.74 11.85 8.88
C ASN A 204 0.38 12.57 9.60
N LEU A 205 1.54 12.65 8.97
CA LEU A 205 2.63 13.47 9.50
C LEU A 205 2.59 14.93 9.03
N LEU A 206 1.75 15.22 8.04
CA LEU A 206 1.94 16.45 7.26
C LEU A 206 1.31 17.74 7.83
N GLY A 207 0.24 17.60 8.62
CA GLY A 207 -0.44 18.75 9.22
C GLY A 207 0.48 19.77 9.89
N PRO A 208 1.24 19.33 10.89
CA PRO A 208 2.17 20.24 11.59
C PRO A 208 3.33 20.72 10.75
N LEU A 209 3.59 20.07 9.61
CA LEU A 209 4.71 20.40 8.74
C LEU A 209 4.35 21.39 7.63
N THR A 210 3.09 21.82 7.58
CA THR A 210 2.59 22.57 6.43
C THR A 210 1.79 23.79 6.86
N ASN A 211 2.07 24.32 8.05
CA ASN A 211 1.55 25.60 8.43
C ASN A 211 1.87 26.64 7.34
N PRO A 212 0.83 27.25 6.75
CA PRO A 212 1.04 28.13 5.59
C PRO A 212 1.76 29.46 5.90
N ALA A 213 1.81 29.84 7.18
CA ALA A 213 2.56 31.01 7.61
C ALA A 213 4.03 30.71 7.85
N ARG A 214 4.40 29.43 7.79
CA ARG A 214 5.78 28.96 7.92
C ARG A 214 6.53 29.53 9.12
N PRO A 215 5.90 29.48 10.31
CA PRO A 215 6.63 29.89 11.51
C PRO A 215 7.83 29.01 11.72
N ARG A 216 8.88 29.56 12.32
CA ARG A 216 10.14 28.84 12.45
CA ARG A 216 10.13 28.83 12.45
C ARG A 216 10.31 28.21 13.82
N ALA A 217 9.28 28.33 14.67
CA ALA A 217 9.31 27.68 15.96
C ALA A 217 7.99 26.99 16.23
N GLY A 218 8.03 25.99 17.09
CA GLY A 218 6.81 25.29 17.42
C GLY A 218 6.94 24.22 18.50
N LEU A 219 5.81 23.92 19.10
CA LEU A 219 5.64 22.76 19.94
C LEU A 219 4.73 21.83 19.17
N ILE A 220 5.33 20.76 18.66
CA ILE A 220 4.68 19.90 17.68
C ILE A 220 4.40 18.49 18.22
N GLY A 221 3.11 18.16 18.29
CA GLY A 221 2.68 16.84 18.74
C GLY A 221 2.71 15.79 17.65
N CYS A 222 3.16 14.60 18.04
CA CYS A 222 3.19 13.46 17.14
C CYS A 222 2.64 12.24 17.85
N ALA A 223 1.57 11.68 17.31
CA ALA A 223 0.94 10.50 17.91
C ALA A 223 1.71 9.22 17.63
N PHE A 224 2.63 9.27 16.68
CA PHE A 224 3.29 8.07 16.17
C PHE A 224 4.73 8.03 16.63
N ALA A 225 4.99 7.22 17.67
CA ALA A 225 6.28 7.23 18.36
C ALA A 225 7.46 7.03 17.43
N ASP A 226 7.27 6.17 16.43
CA ASP A 226 8.36 5.73 15.57
C ASP A 226 8.61 6.67 14.38
N LEU A 227 7.77 7.69 14.24
CA LEU A 227 7.89 8.66 13.15
C LEU A 227 8.14 10.07 13.64
N ALA A 228 8.11 10.27 14.95
CA ALA A 228 8.39 11.57 15.50
C ALA A 228 9.79 12.06 15.09
N GLU A 229 10.76 11.14 15.08
CA GLU A 229 12.13 11.51 14.72
C GLU A 229 12.19 11.99 13.26
N VAL A 230 11.33 11.40 12.43
CA VAL A 230 11.29 11.77 11.03
C VAL A 230 10.75 13.20 10.89
N MET A 231 9.68 13.50 11.61
CA MET A 231 9.13 14.87 11.63
C MET A 231 10.21 15.84 12.09
N ALA A 232 10.92 15.46 13.14
CA ALA A 232 11.99 16.31 13.68
C ALA A 232 13.07 16.56 12.63
N GLY A 233 13.37 15.53 11.85
CA GLY A 233 14.32 15.65 10.75
C GLY A 233 13.88 16.69 9.71
N VAL A 234 12.60 16.72 9.39
CA VAL A 234 12.07 17.71 8.45
C VAL A 234 12.25 19.13 8.99
N PHE A 235 11.93 19.35 10.27
CA PHE A 235 12.11 20.67 10.87
C PHE A 235 13.58 21.05 10.93
N ALA A 236 14.45 20.07 11.18
CA ALA A 236 15.88 20.34 11.26
C ALA A 236 16.44 20.81 9.91
N ALA A 237 15.93 20.23 8.82
CA ALA A 237 16.37 20.62 7.48
C ALA A 237 16.03 22.09 7.18
N ARG A 238 14.93 22.56 7.76
CA ARG A 238 14.52 23.97 7.67
C ARG A 238 15.21 24.87 8.70
N ARG A 239 15.98 24.29 9.60
CA ARG A 239 16.57 25.04 10.71
C ARG A 239 15.50 25.75 11.54
N SER A 240 14.45 25.02 11.81
CA SER A 240 13.42 25.47 12.75
C SER A 240 13.84 25.18 14.17
N SER A 241 13.29 25.92 15.13
CA SER A 241 13.46 25.63 16.56
C SER A 241 12.18 24.96 17.04
N VAL A 242 12.19 23.63 17.16
CA VAL A 242 10.97 22.89 17.44
C VAL A 242 11.22 21.84 18.49
N LEU A 243 10.20 21.62 19.31
CA LEU A 243 10.13 20.47 20.16
C LEU A 243 9.04 19.55 19.59
N VAL A 244 9.44 18.39 19.07
CA VAL A 244 8.49 17.38 18.62
C VAL A 244 8.21 16.47 19.82
N VAL A 245 6.96 16.37 20.24
CA VAL A 245 6.63 15.68 21.50
C VAL A 245 5.66 14.53 21.30
N HIS A 246 5.93 13.45 22.02
CA HIS A 246 5.06 12.28 22.06
C HIS A 246 4.98 11.82 23.51
N GLY A 247 3.78 11.86 24.07
CA GLY A 247 3.59 11.38 25.43
C GLY A 247 3.79 9.88 25.47
N ASP A 248 4.46 9.39 26.50
CA ASP A 248 4.78 7.95 26.54
C ASP A 248 3.52 7.14 26.88
N ASP A 249 2.42 7.84 27.11
CA ASP A 249 1.10 7.25 27.21
C ASP A 249 0.34 7.28 25.89
N GLY A 250 1.00 7.75 24.83
CA GLY A 250 0.40 7.81 23.50
C GLY A 250 -0.10 9.17 23.05
N LEU A 251 -0.15 10.16 23.94
CA LEU A 251 -0.67 11.47 23.55
C LEU A 251 0.23 12.18 22.54
N ASP A 252 -0.38 12.91 21.61
CA ASP A 252 0.38 13.79 20.73
C ASP A 252 0.51 15.17 21.40
N GLU A 253 0.88 15.12 22.67
CA GLU A 253 1.03 16.28 23.54
C GLU A 253 2.07 15.94 24.58
N LEU A 254 2.58 16.96 25.29
CA LEU A 254 3.32 16.71 26.52
C LEU A 254 2.29 16.28 27.56
N THR A 255 2.48 15.09 28.14
CA THR A 255 1.49 14.55 29.04
C THR A 255 1.87 14.80 30.50
N THR A 256 0.87 14.67 31.36
CA THR A 256 1.07 14.78 32.80
C THR A 256 0.88 13.43 33.50
N THR A 257 0.54 12.40 32.72
CA THR A 257 0.29 11.09 33.32
C THR A 257 1.57 10.28 33.47
N THR A 258 2.62 10.67 32.76
CA THR A 258 3.88 9.94 32.72
C THR A 258 4.92 10.80 32.01
N THR A 259 6.05 10.20 31.65
CA THR A 259 7.06 10.91 30.87
C THR A 259 6.61 11.18 29.43
N SER A 260 7.31 12.09 28.77
CA SER A 260 7.15 12.32 27.34
C SER A 260 8.50 12.23 26.66
N THR A 261 8.49 11.78 25.41
CA THR A 261 9.68 11.82 24.60
C THR A 261 9.67 13.12 23.81
N ILE A 262 10.78 13.84 23.83
CA ILE A 262 10.91 15.09 23.08
C ILE A 262 12.09 14.99 22.13
N TRP A 263 11.82 15.20 20.85
CA TRP A 263 12.87 15.37 19.87
C TRP A 263 13.11 16.86 19.74
N ARG A 264 14.22 17.31 20.31
CA ARG A 264 14.57 18.74 20.33
CA ARG A 264 14.58 18.73 20.34
C ARG A 264 15.35 19.13 19.08
N VAL A 265 14.79 20.08 18.34
CA VAL A 265 15.40 20.54 17.10
C VAL A 265 15.95 21.92 17.29
N ALA A 266 17.26 22.05 17.05
CA ALA A 266 17.95 23.30 17.26
C ALA A 266 19.24 23.30 16.45
N ALA A 267 19.48 24.40 15.75
CA ALA A 267 20.69 24.54 14.94
C ALA A 267 20.86 23.41 13.90
N GLY A 268 19.75 22.91 13.36
CA GLY A 268 19.82 21.89 12.31
C GLY A 268 20.08 20.49 12.82
N SER A 269 20.17 20.31 14.14
CA SER A 269 20.41 19.00 14.73
C SER A 269 19.21 18.54 15.57
N VAL A 270 19.10 17.23 15.76
CA VAL A 270 18.03 16.64 16.52
C VAL A 270 18.60 15.87 17.71
N ASP A 271 18.09 16.20 18.89
CA ASP A 271 18.48 15.56 20.15
CA ASP A 271 18.47 15.57 20.16
C ASP A 271 17.24 14.91 20.77
N LYS A 272 17.35 13.63 21.13
CA LYS A 272 16.23 12.91 21.73
C LYS A 272 16.32 12.97 23.25
N LEU A 273 15.22 13.36 23.88
CA LEU A 273 15.19 13.53 25.32
C LEU A 273 13.96 12.88 25.88
N THR A 274 14.02 12.50 27.15
CA THR A 274 12.83 12.13 27.89
C THR A 274 12.58 13.23 28.92
N PHE A 275 11.32 13.62 29.05
CA PHE A 275 10.91 14.73 29.90
C PHE A 275 9.99 14.20 30.99
N ASP A 276 10.29 14.55 32.24
CA ASP A 276 9.45 14.16 33.38
C ASP A 276 8.95 15.41 34.11
N PRO A 277 7.64 15.68 34.03
CA PRO A 277 7.05 16.84 34.72
C PRO A 277 7.27 16.84 36.23
N ALA A 278 7.44 15.66 36.80
CA ALA A 278 7.76 15.56 38.22
C ALA A 278 9.04 16.33 38.56
N GLY A 279 9.94 16.46 37.60
CA GLY A 279 11.13 17.25 37.79
C GLY A 279 10.83 18.73 38.02
N PHE A 280 9.62 19.16 37.67
CA PHE A 280 9.21 20.56 37.86
C PHE A 280 8.03 20.68 38.83
N GLY A 281 7.84 19.66 39.67
CA GLY A 281 6.88 19.71 40.75
C GLY A 281 5.45 19.31 40.39
N PHE A 282 5.24 18.77 39.19
CA PHE A 282 3.91 18.39 38.76
C PHE A 282 3.59 17.00 39.28
N ALA A 283 2.36 16.85 39.79
CA ALA A 283 1.85 15.56 40.23
C ALA A 283 1.39 14.73 39.05
N ARG A 284 1.51 13.41 39.16
CA ARG A 284 1.03 12.52 38.11
C ARG A 284 -0.47 12.57 38.04
N ALA A 285 -0.98 12.62 36.81
CA ALA A 285 -2.42 12.62 36.56
C ALA A 285 -2.86 11.29 35.94
N GLN A 286 -4.16 11.00 36.00
CA GLN A 286 -4.71 9.85 35.30
C GLN A 286 -5.27 10.34 33.99
N LEU A 287 -5.20 9.50 32.96
CA LEU A 287 -5.62 9.90 31.63
C LEU A 287 -7.09 10.35 31.57
N ASP A 288 -7.94 9.73 32.38
CA ASP A 288 -9.36 10.09 32.37
C ASP A 288 -9.57 11.52 32.90
N GLN A 289 -8.60 12.05 33.63
CA GLN A 289 -8.68 13.44 34.08
C GLN A 289 -8.50 14.43 32.93
N LEU A 290 -7.97 13.96 31.80
CA LEU A 290 -7.77 14.81 30.64
C LEU A 290 -8.79 14.56 29.54
N ALA A 291 -9.80 13.73 29.85
CA ALA A 291 -10.74 13.29 28.84
C ALA A 291 -11.60 14.44 28.33
N GLY A 292 -11.90 14.41 27.04
CA GLY A 292 -12.72 15.41 26.40
C GLY A 292 -14.11 14.90 26.05
N GLY A 293 -14.89 15.78 25.42
CA GLY A 293 -16.24 15.46 24.99
C GLY A 293 -16.52 16.24 23.73
N ASP A 294 -17.76 16.66 23.54
CA ASP A 294 -18.13 17.35 22.30
C ASP A 294 -17.60 18.78 22.31
N ALA A 295 -17.91 19.51 21.24
CA ALA A 295 -17.36 20.86 21.08
C ALA A 295 -17.78 21.79 22.21
N GLN A 296 -19.00 21.64 22.69
CA GLN A 296 -19.49 22.46 23.80
C GLN A 296 -18.79 22.13 25.11
N ALA A 297 -18.71 20.84 25.44
CA ALA A 297 -17.99 20.37 26.61
C ALA A 297 -16.52 20.83 26.60
N ASN A 298 -15.87 20.76 25.44
CA ASN A 298 -14.46 21.13 25.37
C ASN A 298 -14.27 22.65 25.42
N ALA A 299 -15.21 23.39 24.84
CA ALA A 299 -15.22 24.85 24.96
C ALA A 299 -15.34 25.25 26.43
N ALA A 300 -16.17 24.52 27.17
CA ALA A 300 -16.35 24.82 28.59
C ALA A 300 -15.05 24.54 29.34
N ALA A 301 -14.35 23.50 28.92
CA ALA A 301 -13.09 23.13 29.56
C ALA A 301 -12.03 24.23 29.38
N VAL A 302 -12.01 24.83 28.18
CA VAL A 302 -11.13 25.96 27.92
C VAL A 302 -11.46 27.12 28.86
N ARG A 303 -12.74 27.44 28.94
CA ARG A 303 -13.16 28.56 29.80
C ARG A 303 -12.78 28.35 31.24
N ALA A 304 -12.90 27.11 31.73
CA ALA A 304 -12.52 26.77 33.09
C ALA A 304 -11.03 26.97 33.36
N VAL A 305 -10.17 26.52 32.45
CA VAL A 305 -8.74 26.70 32.64
C VAL A 305 -8.33 28.17 32.63
N LEU A 306 -8.84 28.93 31.67
CA LEU A 306 -8.51 30.35 31.53
C LEU A 306 -9.08 31.15 32.70
N GLY A 307 -10.06 30.57 33.37
CA GLY A 307 -10.65 31.18 34.55
C GLY A 307 -9.87 30.93 35.82
N GLY A 308 -8.84 30.09 35.73
CA GLY A 308 -7.94 29.89 36.86
C GLY A 308 -8.23 28.65 37.68
N ALA A 309 -9.11 27.79 37.19
CA ALA A 309 -9.37 26.51 37.84
C ALA A 309 -8.08 25.69 37.92
N ARG A 310 -7.76 25.24 39.12
CA ARG A 310 -6.61 24.38 39.34
C ARG A 310 -7.01 22.95 39.09
N GLY A 311 -6.03 22.10 38.81
CA GLY A 311 -6.30 20.71 38.54
C GLY A 311 -5.49 20.20 37.37
N PRO A 312 -5.73 18.95 36.99
CA PRO A 312 -4.92 18.29 35.95
C PRO A 312 -4.96 18.99 34.58
N VAL A 313 -6.09 19.56 34.18
CA VAL A 313 -6.17 20.16 32.85
C VAL A 313 -5.30 21.40 32.80
N ARG A 314 -5.37 22.25 33.83
CA ARG A 314 -4.44 23.37 33.95
C ARG A 314 -2.97 22.94 33.84
N ASP A 315 -2.56 21.96 34.64
CA ASP A 315 -1.17 21.52 34.63
C ASP A 315 -0.71 21.16 33.21
N ALA A 316 -1.51 20.39 32.48
CA ALA A 316 -1.14 19.99 31.13
C ALA A 316 -1.07 21.17 30.16
N VAL A 317 -1.97 22.14 30.31
CA VAL A 317 -1.92 23.34 29.50
C VAL A 317 -0.67 24.15 29.77
N VAL A 318 -0.36 24.36 31.04
CA VAL A 318 0.82 25.11 31.43
C VAL A 318 2.09 24.43 30.92
N LEU A 319 2.13 23.10 31.02
CA LEU A 319 3.27 22.32 30.54
CA LEU A 319 3.32 22.38 30.55
C LEU A 319 3.49 22.49 29.03
N ASN A 320 2.41 22.42 28.28
CA ASN A 320 2.52 22.53 26.84
C ASN A 320 2.79 23.96 26.40
N ALA A 321 2.17 24.92 27.06
CA ALA A 321 2.49 26.32 26.78
C ALA A 321 3.97 26.59 27.06
N ALA A 322 4.49 26.06 28.16
CA ALA A 322 5.88 26.27 28.49
C ALA A 322 6.79 25.68 27.41
N GLY A 323 6.42 24.52 26.88
CA GLY A 323 7.18 23.89 25.82
C GLY A 323 7.27 24.75 24.59
N ALA A 324 6.15 25.38 24.21
CA ALA A 324 6.12 26.31 23.09
C ALA A 324 7.02 27.51 23.31
N ILE A 325 7.03 28.03 24.54
CA ILE A 325 7.90 29.15 24.89
C ILE A 325 9.37 28.75 24.86
N VAL A 326 9.68 27.53 25.30
CA VAL A 326 11.04 27.03 25.19
C VAL A 326 11.46 26.95 23.70
N ALA A 327 10.58 26.44 22.84
CA ALA A 327 10.88 26.38 21.40
C ALA A 327 11.14 27.79 20.86
N HIS A 328 10.31 28.73 21.29
CA HIS A 328 10.47 30.13 20.90
C HIS A 328 11.85 30.65 21.33
N ALA A 329 12.25 30.36 22.56
CA ALA A 329 13.54 30.85 23.09
C ALA A 329 14.73 30.33 22.28
N GLY A 330 14.59 29.10 21.78
CA GLY A 330 15.61 28.46 20.96
C GLY A 330 15.87 29.11 19.61
N LEU A 331 15.03 30.06 19.20
CA LEU A 331 15.28 30.78 17.96
C LEU A 331 16.49 31.69 18.12
N SER A 332 16.68 32.15 19.34
CA SER A 332 17.76 33.08 19.67
C SER A 332 18.61 32.52 20.80
N GLU A 336 19.71 27.68 27.92
CA GLU A 336 19.86 26.33 28.45
C GLU A 336 18.49 25.72 28.81
N TRP A 337 18.41 24.40 28.71
CA TRP A 337 17.18 23.63 28.83
C TRP A 337 16.43 23.90 30.15
N LEU A 338 17.14 23.90 31.28
CA LEU A 338 16.51 24.04 32.60
C LEU A 338 15.93 25.43 32.87
N PRO A 339 16.76 26.49 32.79
CA PRO A 339 16.19 27.82 33.02
C PRO A 339 15.15 28.17 31.96
N ALA A 340 15.27 27.61 30.76
CA ALA A 340 14.30 27.94 29.72
C ALA A 340 12.94 27.39 30.12
N TRP A 341 12.92 26.17 30.63
CA TRP A 341 11.68 25.55 31.05
C TRP A 341 11.11 26.27 32.27
N GLU A 342 11.97 26.62 33.22
CA GLU A 342 11.51 27.31 34.41
C GLU A 342 10.86 28.64 34.02
N GLU A 343 11.50 29.38 33.12
CA GLU A 343 10.97 30.65 32.62
C GLU A 343 9.64 30.43 31.86
N GLY A 344 9.61 29.38 31.05
CA GLY A 344 8.40 29.04 30.31
C GLY A 344 7.22 28.76 31.22
N LEU A 345 7.43 27.93 32.25
CA LEU A 345 6.37 27.63 33.21
C LEU A 345 5.92 28.88 33.95
N ARG A 346 6.89 29.69 34.37
CA ARG A 346 6.60 30.94 35.06
CA ARG A 346 6.62 30.95 35.04
C ARG A 346 5.74 31.86 34.19
N ARG A 347 6.09 32.00 32.92
CA ARG A 347 5.35 32.88 32.02
C ARG A 347 3.96 32.33 31.69
N ALA A 348 3.85 31.03 31.50
CA ALA A 348 2.56 30.42 31.13
C ALA A 348 1.56 30.55 32.29
N SER A 349 2.04 30.23 33.49
CA SER A 349 1.23 30.37 34.70
C SER A 349 0.78 31.81 34.93
N ALA A 350 1.70 32.75 34.76
CA ALA A 350 1.37 34.15 34.97
C ALA A 350 0.36 34.63 33.92
N ALA A 351 0.51 34.17 32.68
CA ALA A 351 -0.44 34.53 31.64
C ALA A 351 -1.87 34.12 31.99
N ILE A 352 -2.03 32.97 32.66
CA ILE A 352 -3.34 32.56 33.13
C ILE A 352 -3.75 33.38 34.35
N ASP A 353 -2.87 33.48 35.35
CA ASP A 353 -3.25 34.02 36.65
C ASP A 353 -3.58 35.52 36.64
N THR A 354 -2.94 36.26 35.76
CA THR A 354 -3.21 37.68 35.60
C THR A 354 -4.55 37.94 34.93
N GLY A 355 -5.13 36.89 34.33
CA GLY A 355 -6.33 37.05 33.53
C GLY A 355 -6.04 37.32 32.07
N ALA A 356 -4.76 37.46 31.71
CA ALA A 356 -4.41 37.85 30.35
C ALA A 356 -4.89 36.83 29.31
N ALA A 357 -4.81 35.56 29.62
CA ALA A 357 -5.25 34.53 28.66
C ALA A 357 -6.77 34.58 28.44
N GLU A 358 -7.52 34.73 29.54
CA GLU A 358 -8.96 34.87 29.46
C GLU A 358 -9.36 36.10 28.64
N GLN A 359 -8.70 37.23 28.89
CA GLN A 359 -8.92 38.46 28.13
C GLN A 359 -8.55 38.34 26.65
N LEU A 360 -7.49 37.60 26.35
CA LEU A 360 -7.08 37.44 24.94
C LEU A 360 -8.16 36.69 24.17
N LEU A 361 -8.70 35.64 24.76
CA LEU A 361 -9.76 34.88 24.10
C LEU A 361 -10.95 35.78 23.83
N ALA A 362 -11.35 36.55 24.84
CA ALA A 362 -12.43 37.52 24.67
C ALA A 362 -12.13 38.51 23.56
N ARG A 363 -10.93 39.06 23.52
CA ARG A 363 -10.56 39.99 22.48
C ARG A 363 -10.53 39.32 21.10
N TRP A 364 -10.16 38.05 21.07
CA TRP A 364 -10.12 37.25 19.83
C TRP A 364 -11.53 37.09 19.28
N VAL A 365 -12.46 36.80 20.18
CA VAL A 365 -13.87 36.58 19.84
C VAL A 365 -14.45 37.89 19.31
N ARG A 366 -14.11 38.99 19.97
CA ARG A 366 -14.57 40.32 19.57
C ARG A 366 -13.97 40.77 18.23
N PHE A 367 -12.72 40.38 17.97
CA PHE A 367 -12.07 40.75 16.72
C PHE A 367 -12.85 40.15 15.54
N GLY A 368 -13.32 38.92 15.73
CA GLY A 368 -14.02 38.19 14.68
C GLY A 368 -15.39 38.75 14.39
N ARG A 369 -16.08 39.20 15.44
CA ARG A 369 -17.41 39.79 15.31
C ARG A 369 -17.35 41.17 14.64
N GLN A 370 -16.18 41.78 14.66
CA GLN A 370 -15.94 43.03 13.94
C GLN A 370 -15.49 42.73 12.50
N PRO B 26 -15.16 -7.54 11.26
CA PRO B 26 -14.08 -7.21 10.34
C PRO B 26 -14.32 -5.89 9.62
N SER B 27 -13.24 -5.21 9.27
CA SER B 27 -13.33 -3.92 8.61
C SER B 27 -12.03 -3.63 7.88
N TRP B 28 -12.08 -2.70 6.93
CA TRP B 28 -10.87 -2.33 6.22
C TRP B 28 -9.83 -1.73 7.17
N PRO B 29 -10.26 -0.88 8.13
CA PRO B 29 -9.20 -0.35 9.01
C PRO B 29 -8.51 -1.43 9.87
N GLN B 30 -9.27 -2.42 10.31
CA GLN B 30 -8.70 -3.52 11.09
C GLN B 30 -7.67 -4.31 10.27
N ILE B 31 -8.05 -4.65 9.06
CA ILE B 31 -7.20 -5.48 8.21
C ILE B 31 -5.99 -4.70 7.70
N LEU B 32 -6.23 -3.49 7.19
CA LEU B 32 -5.14 -2.69 6.68
C LEU B 32 -4.20 -2.28 7.82
N GLY B 33 -4.75 -2.06 9.02
CA GLY B 33 -3.90 -1.73 10.16
C GLY B 33 -2.98 -2.87 10.53
N ARG B 34 -3.51 -4.09 10.47
CA ARG B 34 -2.74 -5.25 10.85
C ARG B 34 -1.60 -5.44 9.85
N LEU B 35 -1.92 -5.28 8.57
CA LEU B 35 -0.91 -5.44 7.54
C LEU B 35 0.18 -4.36 7.62
N THR B 36 -0.21 -3.11 7.79
CA THR B 36 0.79 -2.05 7.85
C THR B 36 1.62 -2.14 9.14
N ASP B 37 1.14 -2.89 10.11
CA ASP B 37 1.93 -3.23 11.30
C ASP B 37 2.82 -4.45 11.05
N ASN B 38 2.84 -4.93 9.81
CA ASN B 38 3.65 -6.07 9.39
CA ASN B 38 3.66 -6.07 9.41
C ASN B 38 3.30 -7.35 10.15
N ARG B 39 2.00 -7.57 10.36
CA ARG B 39 1.51 -8.78 11.01
C ARG B 39 0.72 -9.61 10.03
N ASP B 40 0.89 -10.94 10.11
CA ASP B 40 0.05 -11.86 9.36
C ASP B 40 -1.39 -11.68 9.75
N LEU B 41 -2.30 -11.89 8.81
CA LEU B 41 -3.71 -11.75 9.12
C LEU B 41 -4.21 -12.91 9.95
N ALA B 42 -5.29 -12.69 10.67
CA ALA B 42 -6.00 -13.78 11.34
C ALA B 42 -6.70 -14.64 10.30
N ARG B 43 -6.88 -15.92 10.61
CA ARG B 43 -7.67 -16.81 9.75
CA ARG B 43 -7.70 -16.80 9.77
C ARG B 43 -8.98 -16.12 9.33
N GLY B 44 -9.25 -16.14 8.03
CA GLY B 44 -10.49 -15.63 7.49
C GLY B 44 -10.52 -14.17 7.09
N GLN B 45 -9.56 -13.38 7.59
CA GLN B 45 -9.50 -11.97 7.23
C GLN B 45 -9.19 -11.73 5.76
N ALA B 46 -8.18 -12.42 5.22
CA ALA B 46 -7.90 -12.28 3.78
C ALA B 46 -9.13 -12.66 2.94
N ALA B 47 -9.81 -13.74 3.29
CA ALA B 47 -11.03 -14.13 2.59
C ALA B 47 -12.12 -13.04 2.70
N TRP B 48 -12.30 -12.46 3.89
CA TRP B 48 -13.25 -11.36 4.06
C TRP B 48 -12.97 -10.23 3.10
N ALA B 49 -11.73 -9.78 3.10
CA ALA B 49 -11.30 -8.71 2.20
C ALA B 49 -11.53 -9.05 0.72
N MET B 50 -11.14 -10.26 0.31
CA MET B 50 -11.32 -10.65 -1.09
C MET B 50 -12.80 -10.72 -1.46
N ASP B 51 -13.63 -11.19 -0.54
CA ASP B 51 -15.06 -11.24 -0.83
C ASP B 51 -15.66 -9.82 -0.98
N GLN B 52 -15.19 -8.88 -0.17
CA GLN B 52 -15.61 -7.48 -0.33
C GLN B 52 -15.22 -6.95 -1.71
N ILE B 53 -14.01 -7.28 -2.14
CA ILE B 53 -13.54 -6.88 -3.46
C ILE B 53 -14.39 -7.52 -4.56
N MET B 54 -14.69 -8.81 -4.42
CA MET B 54 -15.38 -9.55 -5.49
C MET B 54 -16.88 -9.22 -5.58
N THR B 55 -17.44 -8.62 -4.53
CA THR B 55 -18.87 -8.29 -4.54
C THR B 55 -19.13 -6.84 -4.96
N GLY B 56 -18.07 -6.13 -5.31
CA GLY B 56 -18.16 -4.74 -5.70
C GLY B 56 -18.35 -3.79 -4.53
N ASN B 57 -18.03 -4.25 -3.32
CA ASN B 57 -18.23 -3.45 -2.11
C ASN B 57 -16.99 -2.72 -1.59
N ALA B 58 -15.83 -2.95 -2.21
CA ALA B 58 -14.61 -2.26 -1.81
C ALA B 58 -14.36 -1.08 -2.74
N ARG B 59 -13.93 0.04 -2.15
CA ARG B 59 -13.52 1.20 -2.92
C ARG B 59 -12.21 0.90 -3.61
N PRO B 60 -11.98 1.49 -4.80
CA PRO B 60 -10.68 1.32 -5.46
C PRO B 60 -9.48 1.57 -4.51
N ALA B 61 -9.59 2.56 -3.65
CA ALA B 61 -8.52 2.90 -2.71
C ALA B 61 -8.27 1.77 -1.74
N GLN B 62 -9.35 1.09 -1.33
CA GLN B 62 -9.24 -0.05 -0.43
C GLN B 62 -8.61 -1.26 -1.10
N ILE B 63 -9.02 -1.51 -2.33
CA ILE B 63 -8.44 -2.59 -3.13
C ILE B 63 -6.93 -2.38 -3.24
N ALA B 64 -6.56 -1.18 -3.63
CA ALA B 64 -5.13 -0.85 -3.83
C ALA B 64 -4.33 -0.92 -2.53
N ALA B 65 -4.90 -0.40 -1.45
CA ALA B 65 -4.25 -0.44 -0.14
C ALA B 65 -3.99 -1.87 0.29
N PHE B 66 -5.00 -2.72 0.09
CA PHE B 66 -4.91 -4.14 0.45
C PHE B 66 -3.85 -4.86 -0.39
N ALA B 67 -3.87 -4.65 -1.70
CA ALA B 67 -2.92 -5.31 -2.58
C ALA B 67 -1.49 -4.95 -2.20
N VAL B 68 -1.23 -3.66 -1.99
CA VAL B 68 0.12 -3.18 -1.69
C VAL B 68 0.56 -3.62 -0.29
N ALA B 69 -0.34 -3.48 0.68
CA ALA B 69 0.00 -3.84 2.05
C ALA B 69 0.26 -5.33 2.18
N MET B 70 -0.53 -6.14 1.48
CA MET B 70 -0.33 -7.59 1.52
C MET B 70 1.04 -7.94 0.92
N THR B 71 1.35 -7.32 -0.19
CA THR B 71 2.62 -7.56 -0.89
C THR B 71 3.85 -7.20 -0.04
N MET B 72 3.79 -6.06 0.61
CA MET B 72 4.94 -5.60 1.39
C MET B 72 5.08 -6.31 2.74
N LYS B 73 3.97 -6.80 3.29
CA LYS B 73 4.04 -7.53 4.55
C LYS B 73 4.72 -8.88 4.30
N ALA B 74 4.46 -9.44 3.11
CA ALA B 74 4.89 -10.78 2.64
C ALA B 74 3.75 -11.77 2.89
N PRO B 75 3.02 -12.11 1.83
CA PRO B 75 1.87 -13.02 2.01
C PRO B 75 2.28 -14.44 2.41
N THR B 76 1.41 -15.10 3.16
CA THR B 76 1.61 -16.50 3.51
C THR B 76 0.79 -17.35 2.57
N ALA B 77 1.13 -18.64 2.49
CA ALA B 77 0.33 -19.57 1.68
C ALA B 77 -1.11 -19.62 2.18
N ASP B 78 -1.31 -19.58 3.49
CA ASP B 78 -2.68 -19.51 4.04
C ASP B 78 -3.45 -18.32 3.45
N GLU B 79 -2.81 -17.15 3.43
CA GLU B 79 -3.47 -15.93 3.01
C GLU B 79 -3.78 -15.98 1.53
N VAL B 80 -2.81 -16.40 0.73
CA VAL B 80 -3.00 -16.44 -0.71
C VAL B 80 -4.05 -17.48 -1.03
N GLY B 81 -4.05 -18.57 -0.26
CA GLY B 81 -5.05 -19.60 -0.44
C GLY B 81 -6.45 -19.06 -0.20
N GLU B 82 -6.58 -18.20 0.80
CA GLU B 82 -7.88 -17.61 1.09
C GLU B 82 -8.34 -16.74 -0.06
N LEU B 83 -7.43 -15.97 -0.66
CA LEU B 83 -7.80 -15.08 -1.76
C LEU B 83 -8.27 -15.91 -2.94
N ALA B 84 -7.50 -16.94 -3.27
CA ALA B 84 -7.83 -17.86 -4.36
C ALA B 84 -9.19 -18.54 -4.13
N GLY B 85 -9.42 -18.96 -2.89
CA GLY B 85 -10.65 -19.64 -2.52
C GLY B 85 -11.86 -18.78 -2.78
N VAL B 86 -11.79 -17.52 -2.41
CA VAL B 86 -12.90 -16.63 -2.64
C VAL B 86 -13.13 -16.45 -4.14
N MET B 87 -12.07 -16.28 -4.95
CA MET B 87 -12.27 -16.15 -6.40
C MET B 87 -12.97 -17.38 -6.98
N LEU B 88 -12.57 -18.56 -6.53
CA LEU B 88 -13.18 -19.78 -7.03
C LEU B 88 -14.64 -19.91 -6.59
N SER B 89 -14.94 -19.46 -5.38
CA SER B 89 -16.32 -19.43 -4.90
C SER B 89 -17.19 -18.58 -5.81
N HIS B 90 -16.64 -17.50 -6.35
CA HIS B 90 -17.41 -16.57 -7.17
C HIS B 90 -17.34 -16.85 -8.65
N ALA B 91 -16.49 -17.80 -9.04
CA ALA B 91 -16.29 -18.10 -10.45
C ALA B 91 -17.41 -18.97 -11.01
N HIS B 92 -17.64 -18.87 -12.32
CA HIS B 92 -18.50 -19.81 -13.01
C HIS B 92 -17.85 -21.20 -12.96
N PRO B 93 -18.52 -22.18 -12.36
CA PRO B 93 -17.96 -23.53 -12.37
C PRO B 93 -18.22 -24.25 -13.69
N LEU B 94 -17.50 -25.33 -13.96
CA LEU B 94 -17.87 -26.21 -15.08
C LEU B 94 -18.98 -27.13 -14.61
N PRO B 95 -19.77 -27.68 -15.53
CA PRO B 95 -20.85 -28.59 -15.13
C PRO B 95 -20.34 -29.83 -14.41
N ALA B 96 -21.15 -30.39 -13.51
CA ALA B 96 -20.72 -31.56 -12.74
C ALA B 96 -20.30 -32.70 -13.65
N ASP B 97 -19.22 -33.39 -13.25
CA ASP B 97 -18.75 -34.57 -13.97
C ASP B 97 -18.35 -34.31 -15.44
N THR B 98 -17.77 -33.15 -15.72
CA THR B 98 -17.31 -32.83 -17.08
C THR B 98 -15.80 -32.61 -17.16
N VAL B 99 -15.16 -32.47 -16.02
CA VAL B 99 -13.71 -32.35 -15.99
C VAL B 99 -13.12 -33.69 -15.54
N PRO B 100 -12.30 -34.32 -16.39
CA PRO B 100 -11.62 -35.56 -15.95
C PRO B 100 -10.83 -35.37 -14.67
N ASP B 101 -10.85 -36.38 -13.80
CA ASP B 101 -10.16 -36.32 -12.52
C ASP B 101 -8.64 -36.10 -12.65
N ASP B 102 -8.11 -36.41 -13.83
CA ASP B 102 -6.67 -36.27 -14.08
C ASP B 102 -6.36 -35.11 -15.06
N ALA B 103 -7.25 -34.13 -15.16
CA ALA B 103 -6.97 -33.01 -16.04
C ALA B 103 -5.83 -32.15 -15.48
N VAL B 104 -5.10 -31.54 -16.39
CA VAL B 104 -3.90 -30.75 -16.07
C VAL B 104 -4.02 -29.34 -16.63
N ASP B 105 -3.37 -28.40 -15.96
CA ASP B 105 -3.27 -27.00 -16.40
C ASP B 105 -1.82 -26.77 -16.77
N VAL B 106 -1.61 -25.85 -17.70
CA VAL B 106 -0.27 -25.38 -18.04
C VAL B 106 -0.38 -23.88 -18.19
N VAL B 107 0.11 -23.15 -17.20
CA VAL B 107 -0.13 -21.73 -17.14
C VAL B 107 0.86 -21.10 -16.17
N GLY B 108 1.19 -19.84 -16.37
CA GLY B 108 2.04 -19.11 -15.44
C GLY B 108 1.48 -17.76 -15.06
N THR B 109 2.15 -17.10 -14.14
CA THR B 109 1.78 -15.77 -13.67
C THR B 109 1.97 -14.74 -14.76
N GLY B 110 2.90 -15.00 -15.67
CA GLY B 110 3.40 -13.96 -16.54
C GLY B 110 4.22 -12.98 -15.69
N GLY B 111 4.56 -11.83 -16.28
CA GLY B 111 5.26 -10.79 -15.55
C GLY B 111 6.76 -11.02 -15.42
N ASP B 112 7.34 -11.85 -16.29
CA ASP B 112 8.78 -12.11 -16.22
C ASP B 112 9.55 -11.07 -17.04
N GLY B 113 8.81 -10.26 -17.81
CA GLY B 113 9.38 -9.14 -18.53
C GLY B 113 10.31 -9.48 -19.69
N VAL B 114 10.27 -10.73 -20.16
CA VAL B 114 11.20 -11.18 -21.22
C VAL B 114 10.54 -11.18 -22.60
N ASN B 115 9.22 -11.27 -22.67
CA ASN B 115 8.53 -11.27 -23.96
C ASN B 115 9.01 -12.43 -24.83
N THR B 116 8.55 -13.63 -24.48
CA THR B 116 8.93 -14.83 -25.19
C THR B 116 7.78 -15.30 -26.07
N VAL B 117 8.04 -16.33 -26.86
CA VAL B 117 6.96 -17.08 -27.50
C VAL B 117 6.08 -17.69 -26.39
N ASN B 118 4.89 -18.12 -26.76
CA ASN B 118 3.92 -18.60 -25.79
C ASN B 118 4.16 -20.07 -25.46
N LEU B 119 5.12 -20.29 -24.57
CA LEU B 119 5.56 -21.64 -24.23
C LEU B 119 4.50 -22.50 -23.53
N SER B 120 3.74 -21.93 -22.59
CA SER B 120 2.67 -22.70 -21.92
C SER B 120 1.60 -23.12 -22.91
N THR B 121 1.21 -22.19 -23.79
CA THR B 121 0.14 -22.46 -24.73
C THR B 121 0.57 -23.59 -25.71
N MET B 122 1.81 -23.52 -26.16
CA MET B 122 2.31 -24.51 -27.10
C MET B 122 2.44 -25.85 -26.42
N ALA B 123 2.98 -25.82 -25.21
CA ALA B 123 3.09 -27.02 -24.38
C ALA B 123 1.71 -27.63 -24.14
N ALA B 124 0.69 -26.81 -23.85
CA ALA B 124 -0.66 -27.33 -23.56
C ALA B 124 -1.22 -28.13 -24.74
N ILE B 125 -0.99 -27.64 -25.95
CA ILE B 125 -1.51 -28.27 -27.14
C ILE B 125 -0.85 -29.64 -27.34
N VAL B 126 0.46 -29.67 -27.14
CA VAL B 126 1.25 -30.90 -27.27
C VAL B 126 0.85 -31.93 -26.21
N VAL B 127 0.69 -31.49 -24.95
CA VAL B 127 0.26 -32.36 -23.88
C VAL B 127 -1.10 -33.00 -24.16
N ALA B 128 -2.05 -32.20 -24.64
CA ALA B 128 -3.39 -32.70 -24.99
C ALA B 128 -3.30 -33.70 -26.13
N ALA B 129 -2.43 -33.42 -27.07
CA ALA B 129 -2.26 -34.30 -28.23
C ALA B 129 -1.64 -35.62 -27.79
N ALA B 130 -0.86 -35.60 -26.71
CA ALA B 130 -0.29 -36.82 -26.15
C ALA B 130 -1.33 -37.64 -25.39
N GLY B 131 -2.51 -37.07 -25.20
CA GLY B 131 -3.61 -37.77 -24.54
C GLY B 131 -3.90 -37.39 -23.11
N VAL B 132 -3.18 -36.39 -22.58
CA VAL B 132 -3.47 -35.89 -21.23
C VAL B 132 -4.52 -34.80 -21.34
N PRO B 133 -5.68 -34.96 -20.67
CA PRO B 133 -6.67 -33.88 -20.78
C PRO B 133 -6.13 -32.58 -20.19
N VAL B 134 -6.35 -31.48 -20.91
CA VAL B 134 -5.83 -30.17 -20.52
C VAL B 134 -6.97 -29.19 -20.39
N VAL B 135 -7.17 -28.64 -19.20
CA VAL B 135 -8.10 -27.52 -19.08
C VAL B 135 -7.28 -26.35 -18.61
N LYS B 136 -7.03 -25.48 -19.59
CA LYS B 136 -6.07 -24.42 -19.44
C LYS B 136 -6.77 -23.14 -19.02
N HIS B 137 -6.21 -22.50 -18.00
CA HIS B 137 -6.62 -21.18 -17.59
C HIS B 137 -5.73 -20.24 -18.38
N GLY B 138 -6.29 -19.15 -18.86
CA GLY B 138 -5.51 -18.26 -19.69
C GLY B 138 -6.07 -16.86 -19.76
N ASN B 139 -5.26 -15.97 -20.31
CA ASN B 139 -5.60 -14.57 -20.34
C ASN B 139 -4.77 -13.86 -21.40
N ARG B 140 -5.21 -12.66 -21.76
CA ARG B 140 -4.42 -11.82 -22.66
C ARG B 140 -3.17 -11.35 -21.93
N ALA B 141 -2.24 -10.78 -22.69
CA ALA B 141 -1.02 -10.26 -22.08
C ALA B 141 -1.32 -9.06 -21.20
N ALA B 142 -0.45 -8.82 -20.24
CA ALA B 142 -0.50 -7.61 -19.44
C ALA B 142 0.71 -6.73 -19.77
N SER B 143 1.88 -7.38 -19.91
CA SER B 143 3.12 -6.69 -20.26
C SER B 143 3.65 -7.10 -21.62
N SER B 144 3.65 -8.41 -21.87
CA SER B 144 4.16 -8.97 -23.13
C SER B 144 3.40 -8.43 -24.34
N LEU B 145 3.95 -8.67 -25.53
CA LEU B 145 3.32 -8.25 -26.76
C LEU B 145 2.13 -9.14 -27.12
N SER B 146 2.18 -10.40 -26.70
CA SER B 146 1.10 -11.32 -27.00
C SER B 146 1.03 -12.46 -25.99
N GLY B 147 -0.04 -12.49 -25.23
CA GLY B 147 -0.25 -13.53 -24.23
C GLY B 147 -0.85 -14.76 -24.86
N GLY B 148 -1.07 -15.78 -24.04
CA GLY B 148 -1.56 -17.04 -24.52
C GLY B 148 -2.90 -16.89 -25.20
N ALA B 149 -3.80 -16.15 -24.55
CA ALA B 149 -5.14 -15.92 -25.11
C ALA B 149 -5.07 -15.19 -26.44
N ASP B 150 -4.18 -14.20 -26.54
CA ASP B 150 -4.03 -13.41 -27.78
C ASP B 150 -3.57 -14.28 -28.94
N THR B 151 -2.61 -15.18 -28.68
CA THR B 151 -2.07 -16.03 -29.72
C THR B 151 -3.08 -17.09 -30.14
N LEU B 152 -3.82 -17.65 -29.19
CA LEU B 152 -4.88 -18.61 -29.54
C LEU B 152 -5.93 -17.98 -30.43
N GLU B 153 -6.32 -16.75 -30.08
CA GLU B 153 -7.24 -15.99 -30.93
C GLU B 153 -6.68 -15.80 -32.34
N ALA B 154 -5.39 -15.45 -32.45
CA ALA B 154 -4.77 -15.27 -33.77
C ALA B 154 -4.68 -16.58 -34.55
N LEU B 155 -4.67 -17.72 -33.85
CA LEU B 155 -4.71 -19.03 -34.50
C LEU B 155 -6.13 -19.46 -34.90
N GLY B 156 -7.13 -18.71 -34.45
CA GLY B 156 -8.52 -18.98 -34.84
C GLY B 156 -9.31 -19.76 -33.80
N VAL B 157 -8.71 -19.99 -32.64
CA VAL B 157 -9.37 -20.71 -31.56
C VAL B 157 -10.31 -19.76 -30.83
N ARG B 158 -11.52 -20.23 -30.55
CA ARG B 158 -12.50 -19.46 -29.79
C ARG B 158 -12.13 -19.47 -28.31
N ILE B 159 -11.71 -18.33 -27.79
CA ILE B 159 -11.14 -18.29 -26.45
C ILE B 159 -12.18 -17.97 -25.37
N ASP B 160 -13.32 -17.38 -25.77
CA ASP B 160 -14.29 -16.80 -24.85
CA ASP B 160 -14.26 -16.85 -24.77
C ASP B 160 -15.52 -17.70 -24.62
N LEU B 161 -15.36 -19.02 -24.65
CA LEU B 161 -16.49 -19.92 -24.46
C LEU B 161 -16.87 -20.07 -23.00
N GLY B 162 -18.16 -20.33 -22.74
CA GLY B 162 -18.68 -20.50 -21.40
C GLY B 162 -18.51 -21.93 -20.91
N PRO B 163 -18.93 -22.17 -19.66
CA PRO B 163 -18.74 -23.46 -18.97
C PRO B 163 -19.19 -24.69 -19.76
N ASP B 164 -20.39 -24.64 -20.31
CA ASP B 164 -20.93 -25.77 -21.07
CA ASP B 164 -20.91 -25.80 -21.04
C ASP B 164 -20.06 -26.14 -22.26
N LEU B 165 -19.60 -25.12 -22.98
CA LEU B 165 -18.86 -25.35 -24.20
C LEU B 165 -17.40 -25.69 -23.95
N VAL B 166 -16.83 -25.18 -22.86
CA VAL B 166 -15.48 -25.57 -22.48
C VAL B 166 -15.48 -27.06 -22.18
N ALA B 167 -16.53 -27.52 -21.51
CA ALA B 167 -16.68 -28.92 -21.16
C ALA B 167 -16.79 -29.79 -22.41
N ARG B 168 -17.57 -29.32 -23.38
CA ARG B 168 -17.66 -30.01 -24.66
C ARG B 168 -16.33 -30.03 -25.40
N SER B 169 -15.62 -28.91 -25.39
CA SER B 169 -14.30 -28.84 -26.03
C SER B 169 -13.39 -29.90 -25.43
N LEU B 170 -13.44 -30.01 -24.11
CA LEU B 170 -12.55 -30.90 -23.41
C LEU B 170 -12.83 -32.36 -23.78
N ALA B 171 -14.11 -32.70 -23.90
CA ALA B 171 -14.48 -34.07 -24.23
C ALA B 171 -14.22 -34.39 -25.71
N GLU B 172 -14.50 -33.44 -26.59
CA GLU B 172 -14.49 -33.71 -28.02
C GLU B 172 -13.14 -33.44 -28.67
N VAL B 173 -12.38 -32.50 -28.10
CA VAL B 173 -11.09 -32.10 -28.66
C VAL B 173 -9.93 -32.57 -27.77
N GLY B 174 -10.17 -32.66 -26.48
CA GLY B 174 -9.14 -33.08 -25.55
C GLY B 174 -8.48 -31.92 -24.83
N ILE B 175 -8.93 -30.71 -25.14
CA ILE B 175 -8.43 -29.52 -24.47
C ILE B 175 -9.55 -28.49 -24.38
N GLY B 176 -9.61 -27.77 -23.27
CA GLY B 176 -10.54 -26.66 -23.09
C GLY B 176 -9.77 -25.45 -22.59
N PHE B 177 -10.21 -24.26 -22.97
CA PHE B 177 -9.56 -23.02 -22.54
C PHE B 177 -10.56 -22.12 -21.80
N CYS B 178 -10.30 -21.93 -20.52
CA CYS B 178 -11.10 -21.02 -19.69
C CYS B 178 -10.49 -19.64 -19.70
N PHE B 179 -11.12 -18.71 -20.41
CA PHE B 179 -10.67 -17.32 -20.47
C PHE B 179 -10.97 -16.64 -19.15
N ALA B 180 -9.94 -16.17 -18.46
CA ALA B 180 -10.10 -15.72 -17.08
C ALA B 180 -11.21 -14.67 -16.89
N PRO B 181 -11.25 -13.63 -17.73
CA PRO B 181 -12.31 -12.63 -17.59
C PRO B 181 -13.72 -13.18 -17.80
N ARG B 182 -13.87 -14.21 -18.63
CA ARG B 182 -15.17 -14.85 -18.85
C ARG B 182 -15.65 -15.62 -17.62
N PHE B 183 -14.71 -16.26 -16.93
CA PHE B 183 -15.05 -17.11 -15.80
C PHE B 183 -14.99 -16.40 -14.45
N HIS B 184 -14.25 -15.29 -14.40
CA HIS B 184 -14.08 -14.53 -13.17
C HIS B 184 -14.58 -13.08 -13.34
N PRO B 185 -15.85 -12.91 -13.74
CA PRO B 185 -16.35 -11.56 -14.01
C PRO B 185 -16.30 -10.62 -12.79
N SER B 186 -16.41 -11.18 -11.60
CA SER B 186 -16.42 -10.36 -10.39
C SER B 186 -15.05 -9.80 -10.01
N TYR B 187 -14.02 -10.28 -10.69
CA TYR B 187 -12.65 -9.84 -10.45
C TYR B 187 -12.34 -8.56 -11.17
N ARG B 188 -13.28 -8.08 -11.98
CA ARG B 188 -13.02 -6.91 -12.81
C ARG B 188 -12.65 -5.68 -11.99
N HIS B 189 -13.19 -5.54 -10.78
CA HIS B 189 -12.88 -4.37 -9.96
C HIS B 189 -11.40 -4.41 -9.60
N ALA B 190 -10.93 -5.56 -9.15
CA ALA B 190 -9.52 -5.73 -8.78
C ALA B 190 -8.61 -5.54 -9.99
N ALA B 191 -8.93 -6.20 -11.10
CA ALA B 191 -8.09 -6.16 -12.29
C ALA B 191 -7.86 -4.71 -12.77
N ALA B 192 -8.88 -3.87 -12.62
CA ALA B 192 -8.78 -2.46 -13.04
C ALA B 192 -7.80 -1.63 -12.16
N VAL B 193 -7.95 -1.75 -10.85
CA VAL B 193 -7.02 -1.13 -9.90
C VAL B 193 -5.59 -1.58 -10.14
N ARG B 194 -5.41 -2.85 -10.46
CA ARG B 194 -4.07 -3.39 -10.68
C ARG B 194 -3.37 -2.73 -11.89
N ARG B 195 -4.13 -2.49 -12.94
CA ARG B 195 -3.57 -1.82 -14.11
C ARG B 195 -3.19 -0.38 -13.76
N GLU B 196 -3.96 0.24 -12.88
CA GLU B 196 -3.72 1.64 -12.50
C GLU B 196 -2.46 1.84 -11.67
N ILE B 197 -2.14 0.90 -10.79
CA ILE B 197 -0.96 1.07 -9.95
C ILE B 197 0.27 0.49 -10.65
N GLY B 198 0.05 -0.44 -11.56
CA GLY B 198 1.05 -0.79 -12.54
C GLY B 198 2.24 -1.56 -12.01
N VAL B 199 2.17 -1.97 -10.75
CA VAL B 199 3.26 -2.70 -10.11
C VAL B 199 2.77 -4.08 -9.68
N PRO B 200 3.63 -5.08 -9.78
CA PRO B 200 3.23 -6.42 -9.33
C PRO B 200 2.88 -6.46 -7.85
N THR B 201 1.83 -7.21 -7.51
CA THR B 201 1.42 -7.39 -6.13
C THR B 201 1.10 -8.86 -5.91
N VAL B 202 0.61 -9.18 -4.71
CA VAL B 202 0.15 -10.53 -4.38
C VAL B 202 -0.88 -11.05 -5.40
N PHE B 203 -1.65 -10.13 -6.00
CA PHE B 203 -2.71 -10.54 -6.91
C PHE B 203 -2.15 -11.17 -8.18
N ASN B 204 -0.91 -10.87 -8.51
CA ASN B 204 -0.24 -11.49 -9.66
C ASN B 204 0.08 -12.96 -9.45
N LEU B 205 -0.14 -13.47 -8.24
CA LEU B 205 -0.01 -14.91 -7.99
C LEU B 205 -1.28 -15.70 -8.32
N LEU B 206 -2.39 -15.00 -8.50
CA LEU B 206 -3.69 -15.67 -8.38
C LEU B 206 -4.15 -16.38 -9.64
N GLY B 207 -3.66 -15.98 -10.82
CA GLY B 207 -4.06 -16.59 -12.07
C GLY B 207 -4.01 -18.12 -12.09
N PRO B 208 -2.81 -18.68 -11.90
CA PRO B 208 -2.62 -20.14 -11.90
C PRO B 208 -3.33 -20.85 -10.76
N LEU B 209 -3.68 -20.09 -9.72
CA LEU B 209 -4.32 -20.65 -8.55
C LEU B 209 -5.85 -20.64 -8.63
N THR B 210 -6.43 -20.05 -9.69
CA THR B 210 -7.88 -19.91 -9.77
C THR B 210 -8.49 -20.47 -11.06
N ASN B 211 -7.90 -21.55 -11.57
CA ASN B 211 -8.50 -22.23 -12.71
C ASN B 211 -9.89 -22.72 -12.31
N PRO B 212 -10.95 -22.22 -12.98
CA PRO B 212 -12.32 -22.51 -12.56
C PRO B 212 -12.74 -23.98 -12.65
N ALA B 213 -12.01 -24.75 -13.45
CA ALA B 213 -12.25 -26.19 -13.62
C ALA B 213 -11.59 -27.01 -12.51
N ARG B 214 -10.76 -26.35 -11.71
CA ARG B 214 -10.08 -26.96 -10.57
C ARG B 214 -9.34 -28.27 -10.89
N PRO B 215 -8.54 -28.25 -11.96
CA PRO B 215 -7.68 -29.42 -12.22
C PRO B 215 -6.76 -29.70 -11.03
N ARG B 216 -6.45 -30.97 -10.82
CA ARG B 216 -5.66 -31.42 -9.69
CA ARG B 216 -5.66 -31.38 -9.68
C ARG B 216 -4.16 -31.49 -10.00
N ALA B 217 -3.81 -31.29 -11.26
CA ALA B 217 -2.41 -31.35 -11.67
C ALA B 217 -2.04 -30.12 -12.50
N GLY B 218 -0.76 -29.79 -12.56
CA GLY B 218 -0.35 -28.67 -13.37
C GLY B 218 1.15 -28.45 -13.45
N LEU B 219 1.56 -27.82 -14.55
CA LEU B 219 2.88 -27.22 -14.70
C LEU B 219 2.67 -25.72 -14.59
N ILE B 220 3.19 -25.14 -13.51
CA ILE B 220 2.79 -23.80 -13.12
C ILE B 220 4.00 -22.89 -13.04
N GLY B 221 4.01 -21.88 -13.90
CA GLY B 221 5.08 -20.93 -13.95
C GLY B 221 4.90 -19.80 -12.96
N CYS B 222 6.01 -19.38 -12.39
CA CYS B 222 6.00 -18.26 -11.45
C CYS B 222 7.21 -17.38 -11.80
N ALA B 223 6.94 -16.10 -12.07
CA ALA B 223 7.99 -15.13 -12.43
C ALA B 223 8.70 -14.60 -11.19
N PHE B 224 8.09 -14.81 -10.03
CA PHE B 224 8.56 -14.20 -8.79
C PHE B 224 9.24 -15.26 -7.91
N ALA B 225 10.57 -15.32 -7.99
CA ALA B 225 11.32 -16.39 -7.36
C ALA B 225 11.05 -16.52 -5.87
N ASP B 226 10.86 -15.38 -5.21
CA ASP B 226 10.65 -15.33 -3.75
C ASP B 226 9.22 -15.68 -3.33
N LEU B 227 8.33 -15.87 -4.29
CA LEU B 227 6.93 -16.18 -3.98
C LEU B 227 6.50 -17.52 -4.55
N ALA B 228 7.36 -18.14 -5.36
CA ALA B 228 7.02 -19.44 -5.92
C ALA B 228 6.69 -20.44 -4.83
N GLU B 229 7.46 -20.42 -3.74
CA GLU B 229 7.24 -21.36 -2.64
C GLU B 229 5.87 -21.15 -2.00
N VAL B 230 5.38 -19.92 -2.01
CA VAL B 230 4.04 -19.63 -1.50
C VAL B 230 2.96 -20.22 -2.42
N MET B 231 3.12 -20.05 -3.73
CA MET B 231 2.22 -20.69 -4.68
C MET B 231 2.21 -22.20 -4.48
N ALA B 232 3.40 -22.79 -4.33
CA ALA B 232 3.48 -24.23 -4.16
C ALA B 232 2.72 -24.66 -2.90
N GLY B 233 2.80 -23.84 -1.87
CA GLY B 233 2.12 -24.10 -0.63
C GLY B 233 0.60 -24.14 -0.76
N VAL B 234 0.07 -23.28 -1.61
CA VAL B 234 -1.36 -23.25 -1.90
C VAL B 234 -1.80 -24.54 -2.59
N PHE B 235 -1.01 -25.00 -3.56
CA PHE B 235 -1.32 -26.24 -4.25
C PHE B 235 -1.19 -27.44 -3.33
N ALA B 236 -0.22 -27.38 -2.41
CA ALA B 236 -0.01 -28.47 -1.46
C ALA B 236 -1.23 -28.66 -0.58
N ALA B 237 -1.78 -27.55 -0.10
CA ALA B 237 -2.97 -27.57 0.75
C ALA B 237 -4.15 -28.24 0.05
N ARG B 238 -4.24 -28.07 -1.27
CA ARG B 238 -5.24 -28.74 -2.10
C ARG B 238 -4.89 -30.17 -2.48
N ARG B 239 -3.68 -30.59 -2.13
CA ARG B 239 -3.13 -31.88 -2.55
C ARG B 239 -3.15 -32.05 -4.07
N SER B 240 -2.76 -30.99 -4.77
CA SER B 240 -2.54 -31.07 -6.20
C SER B 240 -1.18 -31.70 -6.47
N SER B 241 -1.06 -32.27 -7.67
CA SER B 241 0.23 -32.68 -8.20
C SER B 241 0.74 -31.62 -9.16
N VAL B 242 1.63 -30.76 -8.68
CA VAL B 242 2.07 -29.61 -9.45
C VAL B 242 3.57 -29.45 -9.40
N LEU B 243 4.11 -28.99 -10.52
CA LEU B 243 5.48 -28.47 -10.57
C LEU B 243 5.35 -26.97 -10.72
N VAL B 244 5.76 -26.24 -9.69
CA VAL B 244 5.86 -24.81 -9.79
C VAL B 244 7.27 -24.50 -10.25
N VAL B 245 7.40 -23.79 -11.37
CA VAL B 245 8.70 -23.60 -12.00
C VAL B 245 9.09 -22.14 -12.21
N HIS B 246 10.38 -21.88 -12.01
CA HIS B 246 10.98 -20.58 -12.24
C HIS B 246 12.35 -20.81 -12.86
N GLY B 247 12.55 -20.34 -14.09
CA GLY B 247 13.83 -20.46 -14.74
C GLY B 247 14.81 -19.54 -14.01
N ASP B 248 16.05 -19.98 -13.88
CA ASP B 248 17.02 -19.19 -13.15
C ASP B 248 17.50 -18.00 -14.00
N ASP B 249 16.93 -17.88 -15.20
CA ASP B 249 17.08 -16.72 -16.04
C ASP B 249 15.89 -15.77 -15.90
N GLY B 250 14.95 -16.09 -15.01
CA GLY B 250 13.80 -15.23 -14.77
C GLY B 250 12.50 -15.68 -15.43
N LEU B 251 12.55 -16.64 -16.34
CA LEU B 251 11.32 -17.06 -17.03
C LEU B 251 10.31 -17.70 -16.09
N ASP B 252 9.02 -17.46 -16.34
CA ASP B 252 7.96 -18.19 -15.63
C ASP B 252 7.63 -19.48 -16.39
N GLU B 253 8.69 -20.20 -16.75
CA GLU B 253 8.60 -21.43 -17.55
C GLU B 253 9.82 -22.27 -17.21
N LEU B 254 9.82 -23.54 -17.61
CA LEU B 254 11.05 -24.33 -17.56
C LEU B 254 11.91 -23.79 -18.68
N THR B 255 13.10 -23.31 -18.35
CA THR B 255 13.95 -22.70 -19.37
C THR B 255 14.97 -23.67 -19.97
N THR B 256 15.49 -23.30 -21.13
CA THR B 256 16.57 -24.05 -21.78
C THR B 256 17.88 -23.25 -21.82
N THR B 257 17.87 -22.05 -21.23
CA THR B 257 19.05 -21.18 -21.26
C THR B 257 19.96 -21.40 -20.06
N THR B 258 19.43 -22.07 -19.04
CA THR B 258 20.16 -22.34 -17.81
C THR B 258 19.31 -23.28 -16.96
N THR B 259 19.61 -23.35 -15.67
CA THR B 259 18.88 -24.25 -14.80
C THR B 259 17.54 -23.63 -14.43
N SER B 260 16.66 -24.47 -13.89
CA SER B 260 15.39 -24.01 -13.31
C SER B 260 15.24 -24.46 -11.87
N THR B 261 14.47 -23.69 -11.10
CA THR B 261 14.06 -24.14 -9.80
C THR B 261 12.66 -24.69 -9.94
N ILE B 262 12.44 -25.84 -9.32
CA ILE B 262 11.15 -26.51 -9.30
C ILE B 262 10.73 -26.74 -7.86
N TRP B 263 9.55 -26.24 -7.51
CA TRP B 263 8.90 -26.61 -6.27
C TRP B 263 7.96 -27.71 -6.63
N ARG B 264 8.33 -28.94 -6.30
CA ARG B 264 7.54 -30.11 -6.61
C ARG B 264 6.53 -30.39 -5.49
N VAL B 265 5.26 -30.41 -5.86
CA VAL B 265 4.16 -30.60 -4.94
C VAL B 265 3.54 -31.96 -5.21
N ALA B 266 3.59 -32.83 -4.22
CA ALA B 266 2.98 -34.13 -4.28
C ALA B 266 2.76 -34.62 -2.85
N ALA B 267 1.69 -35.39 -2.66
CA ALA B 267 1.35 -35.91 -1.33
C ALA B 267 1.22 -34.79 -0.30
N GLY B 268 0.78 -33.61 -0.76
CA GLY B 268 0.53 -32.49 0.13
C GLY B 268 1.80 -31.89 0.73
N SER B 269 2.94 -32.21 0.15
CA SER B 269 4.23 -31.69 0.61
C SER B 269 4.94 -31.02 -0.54
N VAL B 270 5.81 -30.06 -0.21
CA VAL B 270 6.59 -29.36 -1.20
C VAL B 270 8.06 -29.67 -0.99
N ASP B 271 8.80 -29.89 -2.08
CA ASP B 271 10.25 -29.90 -1.96
C ASP B 271 10.90 -29.16 -3.14
N LYS B 272 11.92 -28.38 -2.83
CA LYS B 272 12.56 -27.51 -3.81
C LYS B 272 13.73 -28.23 -4.45
N LEU B 273 13.74 -28.23 -5.79
CA LEU B 273 14.76 -28.92 -6.58
C LEU B 273 15.38 -27.97 -7.56
N THR B 274 16.62 -28.22 -7.94
CA THR B 274 17.23 -27.55 -9.08
C THR B 274 17.20 -28.53 -10.25
N PHE B 275 16.89 -28.01 -11.42
CA PHE B 275 16.65 -28.83 -12.60
C PHE B 275 17.53 -28.33 -13.72
N ASP B 276 18.32 -29.21 -14.33
CA ASP B 276 19.13 -28.83 -15.49
C ASP B 276 18.76 -29.75 -16.65
N PRO B 277 18.27 -29.18 -17.77
CA PRO B 277 17.85 -30.03 -18.89
C PRO B 277 19.02 -30.60 -19.71
N ALA B 278 20.25 -30.16 -19.41
CA ALA B 278 21.43 -30.75 -20.03
C ALA B 278 21.47 -32.25 -19.74
N GLY B 279 20.92 -32.63 -18.60
CA GLY B 279 20.86 -34.04 -18.24
C GLY B 279 19.98 -34.87 -19.15
N PHE B 280 19.17 -34.22 -19.99
CA PHE B 280 18.33 -34.93 -20.97
C PHE B 280 18.78 -34.62 -22.38
N GLY B 281 19.97 -34.04 -22.53
CA GLY B 281 20.54 -33.80 -23.83
C GLY B 281 20.17 -32.47 -24.45
N PHE B 282 19.53 -31.60 -23.67
CA PHE B 282 19.13 -30.29 -24.17
C PHE B 282 20.28 -29.30 -24.19
N ALA B 283 20.59 -28.83 -25.37
CA ALA B 283 21.60 -27.80 -25.55
C ALA B 283 21.16 -26.49 -24.91
N ARG B 284 22.12 -25.66 -24.50
CA ARG B 284 21.77 -24.35 -24.00
C ARG B 284 21.33 -23.47 -25.15
N ALA B 285 20.27 -22.73 -24.93
CA ALA B 285 19.85 -21.69 -25.86
C ALA B 285 20.13 -20.34 -25.24
N GLN B 286 20.13 -19.33 -26.10
CA GLN B 286 20.15 -17.93 -25.68
C GLN B 286 18.73 -17.45 -25.56
N LEU B 287 18.47 -16.59 -24.58
CA LEU B 287 17.13 -16.07 -24.35
C LEU B 287 16.58 -15.38 -25.59
N ASP B 288 17.47 -14.74 -26.35
CA ASP B 288 17.10 -14.11 -27.61
C ASP B 288 16.43 -15.09 -28.59
N GLN B 289 16.77 -16.36 -28.51
CA GLN B 289 16.21 -17.35 -29.45
C GLN B 289 14.78 -17.75 -29.07
N LEU B 290 14.36 -17.41 -27.86
CA LEU B 290 13.00 -17.67 -27.42
C LEU B 290 12.13 -16.42 -27.55
N ALA B 291 12.69 -15.35 -28.14
CA ALA B 291 11.99 -14.06 -28.27
C ALA B 291 10.69 -14.16 -29.06
N GLY B 292 9.66 -13.49 -28.58
CA GLY B 292 8.39 -13.43 -29.26
C GLY B 292 8.12 -12.06 -29.87
N GLY B 293 6.98 -11.94 -30.53
CA GLY B 293 6.55 -10.69 -31.15
C GLY B 293 5.07 -10.49 -30.94
N ASP B 294 4.36 -9.94 -31.93
CA ASP B 294 2.94 -9.70 -31.77
C ASP B 294 2.20 -11.02 -31.98
N ALA B 295 0.87 -10.99 -31.86
CA ALA B 295 0.09 -12.23 -31.87
C ALA B 295 0.27 -13.00 -33.17
N GLN B 296 0.37 -12.29 -34.29
CA GLN B 296 0.53 -12.93 -35.59
C GLN B 296 1.89 -13.63 -35.69
N ALA B 297 2.92 -13.00 -35.15
CA ALA B 297 4.25 -13.59 -35.15
C ALA B 297 4.31 -14.79 -34.21
N ASN B 298 3.64 -14.69 -33.07
CA ASN B 298 3.67 -15.76 -32.09
C ASN B 298 2.78 -16.92 -32.56
N ALA B 299 1.74 -16.60 -33.32
CA ALA B 299 0.93 -17.63 -33.94
C ALA B 299 1.75 -18.36 -34.98
N ALA B 300 2.55 -17.62 -35.74
CA ALA B 300 3.44 -18.24 -36.70
C ALA B 300 4.41 -19.17 -35.98
N ALA B 301 4.89 -18.77 -34.81
CA ALA B 301 5.85 -19.60 -34.08
C ALA B 301 5.20 -20.92 -33.65
N VAL B 302 3.95 -20.87 -33.23
CA VAL B 302 3.23 -22.08 -32.88
C VAL B 302 3.13 -23.02 -34.08
N ARG B 303 2.71 -22.49 -35.22
N ARG B 303 2.71 -22.49 -35.22
CA ARG B 303 2.56 -23.31 -36.42
CA ARG B 303 2.55 -23.32 -36.41
C ARG B 303 3.89 -23.97 -36.80
C ARG B 303 3.87 -23.96 -36.83
N ALA B 304 4.96 -23.22 -36.70
CA ALA B 304 6.29 -23.73 -37.03
C ALA B 304 6.66 -24.91 -36.13
N VAL B 305 6.45 -24.76 -34.82
CA VAL B 305 6.79 -25.85 -33.90
C VAL B 305 5.92 -27.07 -34.20
N LEU B 306 4.62 -26.85 -34.38
CA LEU B 306 3.70 -27.96 -34.57
C LEU B 306 3.92 -28.63 -35.91
N GLY B 307 4.51 -27.89 -36.84
CA GLY B 307 4.84 -28.42 -38.16
C GLY B 307 6.14 -29.21 -38.18
N GLY B 308 6.82 -29.28 -37.04
CA GLY B 308 7.98 -30.13 -36.89
C GLY B 308 9.34 -29.44 -37.04
N ALA B 309 9.38 -28.12 -37.10
CA ALA B 309 10.65 -27.41 -37.18
C ALA B 309 11.52 -27.71 -35.94
N ARG B 310 12.81 -27.97 -36.17
CA ARG B 310 13.74 -28.25 -35.09
C ARG B 310 14.37 -26.95 -34.63
N GLY B 311 14.77 -26.89 -33.37
CA GLY B 311 15.38 -25.69 -32.85
C GLY B 311 15.07 -25.40 -31.40
N PRO B 312 15.60 -24.28 -30.90
CA PRO B 312 15.44 -23.88 -29.50
C PRO B 312 13.97 -23.77 -29.04
N VAL B 313 13.08 -23.31 -29.91
CA VAL B 313 11.69 -23.13 -29.46
C VAL B 313 11.06 -24.50 -29.24
N ARG B 314 11.27 -25.40 -30.20
CA ARG B 314 10.76 -26.76 -30.07
C ARG B 314 11.28 -27.38 -28.80
N ASP B 315 12.58 -27.18 -28.52
CA ASP B 315 13.18 -27.79 -27.33
C ASP B 315 12.48 -27.31 -26.07
N ALA B 316 12.24 -26.00 -26.01
CA ALA B 316 11.60 -25.39 -24.86
C ALA B 316 10.16 -25.89 -24.70
N VAL B 317 9.46 -26.08 -25.81
CA VAL B 317 8.09 -26.58 -25.77
C VAL B 317 8.03 -28.02 -25.30
N VAL B 318 8.91 -28.86 -25.83
CA VAL B 318 8.98 -30.27 -25.47
C VAL B 318 9.32 -30.42 -24.01
N LEU B 319 10.25 -29.59 -23.53
CA LEU B 319 10.62 -29.62 -22.11
C LEU B 319 9.45 -29.26 -21.20
N ASN B 320 8.68 -28.23 -21.54
CA ASN B 320 7.56 -27.80 -20.70
C ASN B 320 6.39 -28.77 -20.83
N ALA B 321 6.20 -29.30 -22.03
CA ALA B 321 5.20 -30.35 -22.24
C ALA B 321 5.52 -31.55 -21.37
N ALA B 322 6.78 -31.96 -21.35
CA ALA B 322 7.19 -33.11 -20.53
C ALA B 322 6.93 -32.85 -19.07
N GLY B 323 7.18 -31.62 -18.64
CA GLY B 323 6.96 -31.22 -17.24
C GLY B 323 5.52 -31.41 -16.80
N ALA B 324 4.60 -31.02 -17.67
CA ALA B 324 3.18 -31.19 -17.40
C ALA B 324 2.79 -32.67 -17.36
N ILE B 325 3.39 -33.48 -18.21
CA ILE B 325 3.12 -34.90 -18.20
C ILE B 325 3.67 -35.52 -16.91
N VAL B 326 4.83 -35.06 -16.45
CA VAL B 326 5.36 -35.49 -15.15
C VAL B 326 4.41 -35.12 -14.01
N ALA B 327 3.87 -33.92 -14.04
CA ALA B 327 2.88 -33.51 -13.03
C ALA B 327 1.65 -34.42 -13.07
N HIS B 328 1.17 -34.74 -14.27
CA HIS B 328 0.05 -35.66 -14.45
C HIS B 328 0.33 -37.04 -13.84
N ALA B 329 1.53 -37.54 -14.09
CA ALA B 329 1.96 -38.83 -13.56
C ALA B 329 1.99 -38.81 -12.04
N GLY B 330 2.29 -37.64 -11.47
CA GLY B 330 2.37 -37.50 -10.03
C GLY B 330 1.04 -37.69 -9.32
N LEU B 331 -0.06 -37.65 -10.08
CA LEU B 331 -1.37 -37.90 -9.48
C LEU B 331 -1.39 -39.33 -8.91
N SER B 332 -0.50 -40.17 -9.45
CA SER B 332 -0.27 -41.51 -8.94
C SER B 332 0.81 -41.53 -7.86
N GLU B 336 8.68 -42.67 -10.62
CA GLU B 336 10.01 -42.16 -10.32
C GLU B 336 10.31 -40.95 -11.19
N TRP B 337 11.04 -40.00 -10.61
CA TRP B 337 11.30 -38.69 -11.21
C TRP B 337 11.91 -38.79 -12.60
N LEU B 338 13.07 -39.43 -12.72
CA LEU B 338 13.77 -39.43 -13.99
C LEU B 338 13.06 -40.25 -15.08
N PRO B 339 12.53 -41.43 -14.74
CA PRO B 339 11.76 -42.18 -15.74
C PRO B 339 10.51 -41.43 -16.20
N ALA B 340 9.91 -40.67 -15.28
CA ALA B 340 8.74 -39.87 -15.60
C ALA B 340 9.10 -38.83 -16.62
N TRP B 341 10.25 -38.15 -16.42
CA TRP B 341 10.72 -37.15 -17.37
C TRP B 341 11.02 -37.75 -18.73
N GLU B 342 11.70 -38.89 -18.73
CA GLU B 342 12.06 -39.54 -20.01
C GLU B 342 10.79 -39.90 -20.78
N GLU B 343 9.77 -40.38 -20.08
CA GLU B 343 8.54 -40.78 -20.73
C GLU B 343 7.80 -39.54 -21.25
N GLY B 344 7.81 -38.48 -20.45
CA GLY B 344 7.21 -37.21 -20.82
C GLY B 344 7.84 -36.61 -22.06
N LEU B 345 9.16 -36.68 -22.15
CA LEU B 345 9.88 -36.14 -23.29
C LEU B 345 9.60 -36.96 -24.53
N ARG B 346 9.56 -38.27 -24.37
CA ARG B 346 9.23 -39.14 -25.50
C ARG B 346 7.82 -38.87 -26.03
N ARG B 347 6.87 -38.71 -25.13
CA ARG B 347 5.47 -38.56 -25.54
C ARG B 347 5.23 -37.19 -26.16
N ALA B 348 5.91 -36.16 -25.64
CA ALA B 348 5.81 -34.81 -26.19
C ALA B 348 6.37 -34.78 -27.60
N SER B 349 7.60 -35.28 -27.76
CA SER B 349 8.25 -35.30 -29.06
C SER B 349 7.41 -36.05 -30.10
N ALA B 350 6.90 -37.22 -29.72
CA ALA B 350 6.08 -38.01 -30.63
C ALA B 350 4.76 -37.31 -30.99
N ALA B 351 4.12 -36.67 -30.02
CA ALA B 351 2.89 -35.94 -30.29
C ALA B 351 3.11 -34.86 -31.34
N ILE B 352 4.28 -34.22 -31.32
CA ILE B 352 4.62 -33.28 -32.40
C ILE B 352 4.92 -34.03 -33.69
N ASP B 353 5.82 -35.02 -33.60
CA ASP B 353 6.42 -35.62 -34.80
C ASP B 353 5.41 -36.42 -35.63
N THR B 354 4.37 -36.94 -34.98
CA THR B 354 3.33 -37.69 -35.69
C THR B 354 2.31 -36.77 -36.36
N GLY B 355 2.44 -35.47 -36.08
CA GLY B 355 1.45 -34.50 -36.49
C GLY B 355 0.21 -34.47 -35.61
N ALA B 356 0.20 -35.24 -34.53
CA ALA B 356 -0.97 -35.25 -33.65
C ALA B 356 -1.26 -33.86 -33.07
N ALA B 357 -0.20 -33.12 -32.73
CA ALA B 357 -0.37 -31.81 -32.10
C ALA B 357 -0.90 -30.80 -33.13
N GLU B 358 -0.37 -30.85 -34.35
CA GLU B 358 -0.86 -29.98 -35.42
C GLU B 358 -2.33 -30.28 -35.72
N GLN B 359 -2.66 -31.56 -35.79
CA GLN B 359 -4.04 -31.96 -36.07
C GLN B 359 -5.00 -31.59 -34.93
N LEU B 360 -4.57 -31.69 -33.68
CA LEU B 360 -5.44 -31.29 -32.57
C LEU B 360 -5.75 -29.77 -32.59
N LEU B 361 -4.76 -28.94 -32.90
CA LEU B 361 -5.04 -27.52 -33.06
C LEU B 361 -6.09 -27.28 -34.17
N ALA B 362 -5.91 -27.94 -35.30
CA ALA B 362 -6.87 -27.84 -36.41
C ALA B 362 -8.27 -28.27 -35.99
N ARG B 363 -8.37 -29.35 -35.22
CA ARG B 363 -9.66 -29.80 -34.71
C ARG B 363 -10.23 -28.82 -33.70
N TRP B 364 -9.35 -28.20 -32.92
CA TRP B 364 -9.78 -27.24 -31.92
C TRP B 364 -10.40 -26.03 -32.62
N VAL B 365 -9.78 -25.61 -33.71
CA VAL B 365 -10.29 -24.47 -34.49
C VAL B 365 -11.65 -24.82 -35.09
N ARG B 366 -11.74 -26.00 -35.68
CA ARG B 366 -12.99 -26.46 -36.29
C ARG B 366 -14.12 -26.55 -35.27
N PHE B 367 -13.83 -27.07 -34.09
CA PHE B 367 -14.81 -27.16 -33.00
C PHE B 367 -15.45 -25.83 -32.68
N GLY B 368 -14.63 -24.80 -32.57
CA GLY B 368 -15.12 -23.48 -32.22
C GLY B 368 -15.98 -22.88 -33.34
N ARG B 369 -15.69 -23.27 -34.58
CA ARG B 369 -16.45 -22.76 -35.72
C ARG B 369 -17.78 -23.48 -35.91
N GLN B 370 -17.89 -24.70 -35.38
CA GLN B 370 -19.02 -25.58 -35.70
C GLN B 370 -19.90 -25.86 -34.49
MG MG C . -2.73 18.83 19.93
MG MG D . -3.94 15.94 20.99
C1 PRP E . -5.03 18.18 15.96
C2 PRP E . -6.03 17.90 14.87
C3 PRP E . -7.35 17.85 15.59
C4 PRP E . -7.00 17.37 16.95
C5 PRP E . -7.46 15.94 17.17
O1 PRP E . -5.05 19.57 16.21
O2 PRP E . -5.98 18.93 13.92
O3 PRP E . -7.96 19.13 15.70
O4 PRP E . -5.57 17.43 17.03
O5 PRP E . -7.14 15.20 16.00
P PRP E . -7.82 13.77 15.79
O1P PRP E . -9.28 13.80 15.56
O2P PRP E . -7.58 12.87 16.96
O3P PRP E . -7.25 13.04 14.62
PA PRP E . -4.50 20.29 17.48
O1A PRP E . -3.27 19.69 18.05
O2A PRP E . -4.16 21.63 17.05
O3A PRP E . -5.72 20.33 18.48
PB PRP E . -5.82 20.22 20.08
O1B PRP E . -6.94 19.32 20.44
O2B PRP E . -6.07 21.52 20.69
O3B PRP E . -4.67 19.66 20.80
C01 59L F . -6.86 19.50 5.08
C02 59L F . -5.98 20.47 4.63
C03 59L F . -4.67 20.48 5.10
C04 59L F . -4.27 19.54 6.04
C05 59L F . -5.16 18.58 6.50
C06 59L F . -6.46 18.55 6.00
C07 59L F . -7.41 17.47 6.48
N08 59L F . -4.77 17.58 7.44
C09 59L F . -4.37 17.91 8.78
C10 59L F . -4.05 16.86 9.63
C11 59L F . -4.25 19.22 9.24
C12 59L F . -3.84 19.46 10.54
C13 59L F . -3.53 18.41 11.39
C14 59L F . -3.64 17.11 10.95
C15 59L F . -4.15 15.44 9.15
O16 59L F . -3.44 14.54 9.69
O17 59L F . -4.94 15.15 8.21
O18 59L F . -8.63 17.72 6.69
N19 59L F . -3.73 20.77 11.05
C20 59L F . -2.83 19.55 6.55
O21 59L F . -3.19 20.93 12.13
O22 59L F . -4.25 21.84 10.38
O23 59L F . -6.99 16.29 6.63
N1 IMD G . -8.55 34.26 35.07
C2 IMD G . -7.53 33.61 35.68
N3 IMD G . -7.49 34.00 36.98
C4 IMD G . -8.48 34.89 37.19
C5 IMD G . -9.16 35.05 35.99
MG MG H . 3.49 -19.40 -19.47
MG MG I . 5.92 -17.04 -19.88
C1 PRP J . 0.46 -15.96 -18.85
C2 PRP J . -0.39 -14.73 -18.91
C3 PRP J . -0.10 -14.14 -20.25
C4 PRP J . 1.28 -14.62 -20.60
C5 PRP J . 2.28 -13.49 -20.52
O1 PRP J . -0.23 -17.02 -19.50
O2 PRP J . -1.77 -15.04 -18.84
O3 PRP J . -1.04 -14.61 -21.19
O4 PRP J . 1.60 -15.59 -19.60
O5 PRP J . 1.93 -12.67 -19.41
P PRP J . 2.54 -11.18 -19.30
O1P PRP J . 2.04 -10.22 -20.31
O2P PRP J . 4.03 -11.15 -19.43
O3P PRP J . 2.24 -10.58 -17.97
PA PRP J . 0.42 -18.31 -20.14
O1A PRP J . -0.63 -19.34 -20.25
O2A PRP J . 1.39 -18.96 -19.29
O3A PRP J . 0.92 -17.90 -21.57
PB PRP J . 2.16 -18.43 -22.42
O1B PRP J . 1.67 -19.38 -23.43
O2B PRP J . 2.73 -17.26 -23.09
O3B PRP J . 3.19 -19.08 -21.60
C01 59L K . -8.97 -11.27 -14.93
C02 59L K . -9.72 -12.29 -14.40
C03 59L K . -9.10 -13.32 -13.71
C04 59L K . -7.71 -13.34 -13.56
C05 59L K . -6.95 -12.32 -14.12
C06 59L K . -7.58 -11.29 -14.81
C07 59L K . -6.78 -10.14 -15.37
N08 59L K . -5.53 -12.27 -13.99
C09 59L K . -4.64 -13.26 -14.52
C10 59L K . -3.26 -13.08 -14.41
C11 59L K . -5.11 -14.40 -15.15
C12 59L K . -4.21 -15.35 -15.65
C13 59L K . -2.84 -15.17 -15.52
C14 59L K . -2.37 -14.03 -14.90
C15 59L K . -2.67 -11.87 -13.74
O16 59L K . -1.63 -12.03 -13.05
O17 59L K . -3.21 -10.72 -13.89
O18 59L K . -7.04 -9.67 -16.50
N19 59L K . -4.67 -16.52 -16.29
C20 59L K . -7.07 -14.49 -12.80
O21 59L K . -3.92 -17.48 -16.38
O22 59L K . -5.94 -16.59 -16.80
O23 59L K . -5.86 -9.64 -14.66
P PO4 L . -0.97 -36.24 -5.26
O1 PO4 L . -2.43 -35.96 -5.57
O2 PO4 L . -0.49 -35.33 -4.16
O3 PO4 L . -0.13 -36.00 -6.47
O4 PO4 L . -0.82 -37.68 -4.83
#